data_7ZK9
#
_entry.id   7ZK9
#
_cell.length_a   1.00
_cell.length_b   1.00
_cell.length_c   1.00
_cell.angle_alpha   90.00
_cell.angle_beta   90.00
_cell.angle_gamma   90.00
#
_symmetry.space_group_name_H-M   'P 1'
#
loop_
_entity.id
_entity.type
_entity.pdbx_description
1 polymer 'ATP-dependent translocase ABCB1'
2 non-polymer (4~{S},11~{S},18~{S})-4,11-dimethyl-18-(sulfanylmethyl)-6,13,20-trithia-3,10,17,22,23,24-hexazatetracyclo[17.2.1.1^{5,8}.1^{12,15}]tetracosa-1(21),5(24),7,12(23),14,19(22)-hexaene-2,9,16-trione
#
_entity_poly.entity_id   1
_entity_poly.type   'polypeptide(L)'
_entity_poly.pdbx_seq_one_letter_code
;MELEEDLKGRADKNFSKMGKKSKKEKKEKKPAVSVLTMFRYAGWLDRLYMLVGTLAAIIHGVALPLMMLIFGDMTDSFAS
VGQVSKQSTQMSEADKRAMFAKLEEEMTTYAYYYTGIGAGVLIVAYIQVSFWALAAGRQIHKIRQKFFHAIMNQEIGWFD
VHDVGELNTRLTDDVSKINEGIGDKIGMFFQAMATFFGGFIIGFTRGWKLTLVILAISPVLGLSAGIWAKILSSFTDKEL
HAYAKAGAVAEEVLAAIRTVIAFGGQKKELERYNNNLEEAKRLGIKKAITANISMGAAFLLIYASYALAFWYGTSLVISK
EYSIGQVLTVFFSVLIGAFSVGQASPNIEAFANARGAAYEVFKIIDNKPSIDSFSKSGHKPDNIQGNLEFKNIHFSYPSR
KEVQILKGLNLKVKSGQTVALVGNSGGGKSTTVQLMQRLYDPLDGMVSIDGQDIRTINVRYLREIIGVVSQEPVLFATTI
AENIRYGREDVTMDEIEKAVKEANAYDFIMKLPHQFDTLVGERGAQLSGGQKQRIAIARALVRNPKILLLDEATSALDTE
SEAVVQAALDKAREGRTTIVIAHRLSTVRNADVIAGFDGGVIVEQGNHDELMREKGIYFKLVMTQTAGNEIELGNEACKS
KDEIDNLDMSSKDSGSSLIRRRSTRKSICGPHDQDRKLSTKEALDEDVPPASFWRILKLNSTEWPYFVVGIFAAIINGGL
QPAFSVIFSKVVGVFTNGGPPETQRQNSNLFSLLFLILGIISFITFFLQGFTFGKAGEILTKRLRYMVFKSMLRQDVSWF
DDPKNTTGALTTRLANDAAQVKGATGSRLAVIFQNIANLGTGIIISLIYGWQLTLLLLAIVPIIAIAGVVEMKMLSGQAL
KDKKELEGSGKIATEAIENFRTVVSLTREQKFETMYAQSLQIPYRNAMKKAHVFGITFSFTQAMMYFSYAAAFRFGAYLV
TQQLMTFENVCLVFSAIVFGAMAVGQVSSFAPDYAKATVSASHIIRIIEKTPEIDSYSTQGLKPNMLEGNVQFSGVVFNY
PTRPSIPVLQGLSLEVKKGQTLALVGSSGGGKSTVVQLLERFYDPMAGSVFLDGKEIKQLNVQWLRAQLGIVSQEPILFD
RSIAENIAYGDNSRVVSYEEIVRAAKEANIHQFIDSLPDKYNTRVGDKGTQLSGGQKQRIAIARALVRQPHILLLDEATS
ALDTESEKVVQEALDKAREGRTVIVIAHRLSTIQNADLIVVIQNGKVKEHGTHQQLLAQK
;
_entity_poly.pdbx_strand_id   A
#
# COMPACT_ATOMS: atom_id res chain seq x y z
N ALA A 32 0.87 2.93 24.32
CA ALA A 32 1.12 3.72 23.12
C ALA A 32 -0.18 4.22 22.51
N VAL A 33 -1.28 4.03 23.24
CA VAL A 33 -2.61 4.42 22.81
C VAL A 33 -3.27 5.22 23.93
N SER A 34 -4.43 5.79 23.63
CA SER A 34 -5.20 6.55 24.61
C SER A 34 -6.66 6.13 24.54
N VAL A 35 -7.37 6.30 25.66
CA VAL A 35 -8.76 5.92 25.77
C VAL A 35 -9.46 6.89 26.71
N LEU A 36 -10.77 7.07 26.50
CA LEU A 36 -11.66 7.88 27.31
C LEU A 36 -11.38 9.37 27.18
N THR A 37 -10.30 9.76 26.49
CA THR A 37 -9.96 11.16 26.34
C THR A 37 -9.87 11.62 24.89
N MET A 38 -10.23 10.78 23.92
CA MET A 38 -10.16 11.18 22.52
C MET A 38 -11.27 12.13 22.13
N PHE A 39 -12.17 12.42 23.06
CA PHE A 39 -13.33 13.29 22.83
C PHE A 39 -13.15 14.61 23.57
N ARG A 40 -11.92 15.11 23.60
CA ARG A 40 -11.63 16.35 24.32
C ARG A 40 -12.41 17.52 23.75
N TYR A 41 -12.50 17.61 22.43
CA TYR A 41 -13.13 18.74 21.77
C TYR A 41 -14.63 18.55 21.58
N ALA A 42 -15.20 17.48 22.14
CA ALA A 42 -16.64 17.26 22.02
C ALA A 42 -17.42 18.36 22.72
N GLY A 43 -18.42 18.90 22.03
CA GLY A 43 -19.30 19.87 22.63
C GLY A 43 -20.42 19.22 23.42
N TRP A 44 -21.14 20.05 24.18
CA TRP A 44 -22.25 19.53 24.97
C TRP A 44 -23.36 19.00 24.08
N LEU A 45 -23.65 19.69 22.97
CA LEU A 45 -24.58 19.16 21.99
C LEU A 45 -24.06 17.86 21.40
N ASP A 46 -22.76 17.78 21.16
CA ASP A 46 -22.15 16.56 20.65
C ASP A 46 -22.33 15.41 21.64
N ARG A 47 -22.15 15.68 22.93
CA ARG A 47 -22.31 14.64 23.94
C ARG A 47 -23.76 14.22 24.08
N LEU A 48 -24.66 15.18 23.84
CA LEU A 48 -26.11 14.86 23.87
C LEU A 48 -26.38 13.97 22.66
N TYR A 49 -25.77 14.30 21.51
CA TYR A 49 -26.06 13.50 20.29
C TYR A 49 -25.60 12.08 20.59
N MET A 50 -24.42 11.97 21.21
CA MET A 50 -23.89 10.61 21.49
C MET A 50 -24.82 9.93 22.49
N LEU A 51 -25.27 10.66 23.51
CA LEU A 51 -26.09 10.01 24.56
C LEU A 51 -27.37 9.47 23.92
N VAL A 52 -28.02 10.29 23.09
CA VAL A 52 -29.30 9.83 22.51
C VAL A 52 -28.99 8.64 21.61
N GLY A 53 -27.87 8.70 20.89
CA GLY A 53 -27.57 7.64 19.91
C GLY A 53 -27.36 6.30 20.59
N THR A 54 -26.45 6.25 21.55
CA THR A 54 -26.22 5.00 22.25
C THR A 54 -27.49 4.45 22.88
N LEU A 55 -28.33 5.36 23.40
CA LEU A 55 -29.61 4.91 24.02
C LEU A 55 -30.41 4.28 22.90
N ALA A 56 -30.35 4.88 21.71
CA ALA A 56 -31.11 4.34 20.55
C ALA A 56 -30.58 2.95 20.24
N ALA A 57 -29.31 2.70 20.55
CA ALA A 57 -28.73 1.40 20.16
C ALA A 57 -29.23 0.36 21.15
N ILE A 58 -29.13 0.64 22.45
CA ILE A 58 -29.72 -0.31 23.41
C ILE A 58 -31.18 -0.61 23.04
N ILE A 59 -31.93 0.40 22.60
CA ILE A 59 -33.33 0.16 22.29
C ILE A 59 -33.47 -0.87 21.17
N HIS A 60 -32.69 -0.71 20.09
CA HIS A 60 -32.73 -1.65 18.98
C HIS A 60 -32.27 -3.04 19.41
N GLY A 61 -31.17 -3.08 20.18
CA GLY A 61 -30.63 -4.36 20.62
C GLY A 61 -31.56 -5.11 21.55
N VAL A 62 -32.35 -4.40 22.34
CA VAL A 62 -33.39 -5.05 23.14
C VAL A 62 -34.56 -5.46 22.27
N ALA A 63 -34.90 -4.63 21.27
CA ALA A 63 -36.09 -4.87 20.48
C ALA A 63 -36.01 -6.18 19.71
N LEU A 64 -34.85 -6.48 19.14
CA LEU A 64 -34.79 -7.70 18.31
C LEU A 64 -35.06 -8.97 19.11
N PRO A 65 -34.42 -9.22 20.26
CA PRO A 65 -34.80 -10.40 21.06
C PRO A 65 -36.23 -10.37 21.55
N LEU A 66 -36.83 -9.19 21.69
CA LEU A 66 -38.27 -9.14 21.95
C LEU A 66 -39.04 -9.76 20.79
N MET A 67 -38.66 -9.44 19.56
CA MET A 67 -39.22 -10.11 18.39
C MET A 67 -39.05 -11.61 18.51
N MET A 68 -37.87 -12.06 18.91
CA MET A 68 -37.63 -13.49 19.00
C MET A 68 -38.50 -14.16 20.05
N LEU A 69 -38.66 -13.53 21.21
CA LEU A 69 -39.51 -14.08 22.27
C LEU A 69 -40.96 -14.13 21.83
N ILE A 70 -41.41 -13.10 21.13
CA ILE A 70 -42.77 -13.12 20.62
C ILE A 70 -42.93 -14.22 19.58
N PHE A 71 -41.85 -14.56 18.87
CA PHE A 71 -41.90 -15.74 18.01
C PHE A 71 -42.14 -17.02 18.81
N GLY A 72 -41.52 -17.13 19.98
CA GLY A 72 -41.79 -18.28 20.84
C GLY A 72 -43.23 -18.33 21.29
N ASP A 73 -43.78 -17.17 21.64
CA ASP A 73 -45.21 -17.10 22.03
C ASP A 73 -46.03 -17.44 20.78
N MET A 74 -45.53 -17.06 19.60
CA MET A 74 -46.24 -17.39 18.33
C MET A 74 -46.27 -18.92 18.16
N THR A 75 -45.15 -19.59 18.45
CA THR A 75 -45.10 -21.07 18.27
C THR A 75 -45.95 -21.74 19.36
N ASP A 76 -46.05 -21.12 20.54
CA ASP A 76 -46.88 -21.66 21.61
C ASP A 76 -48.35 -21.57 21.28
N SER A 77 -48.77 -20.46 20.66
CA SER A 77 -50.16 -20.33 20.25
C SER A 77 -50.53 -21.40 19.22
N PHE A 78 -49.66 -21.62 18.23
CA PHE A 78 -49.94 -22.70 17.28
C PHE A 78 -49.99 -24.06 17.96
N ALA A 79 -49.08 -24.30 18.91
CA ALA A 79 -49.08 -25.58 19.61
C ALA A 79 -50.37 -25.78 20.39
N SER A 80 -50.86 -24.73 21.04
CA SER A 80 -52.12 -24.82 21.76
C SER A 80 -53.28 -25.10 20.81
N VAL A 81 -53.29 -24.45 19.65
CA VAL A 81 -54.35 -24.70 18.68
C VAL A 81 -54.30 -26.14 18.18
N GLY A 82 -53.09 -26.60 17.84
CA GLY A 82 -52.94 -27.95 17.30
C GLY A 82 -52.90 -28.99 18.40
N GLN A 83 -53.87 -28.96 19.30
CA GLN A 83 -53.93 -30.03 20.33
C GLN A 83 -54.93 -31.10 19.85
N VAL A 84 -54.46 -32.33 19.67
CA VAL A 84 -55.40 -33.42 19.28
C VAL A 84 -56.39 -33.60 20.43
N SER A 85 -55.90 -33.62 21.66
CA SER A 85 -56.77 -33.80 22.85
C SER A 85 -57.59 -35.09 22.64
N LYS A 86 -58.91 -35.02 22.84
CA LYS A 86 -59.77 -36.20 22.54
C LYS A 86 -59.90 -36.35 21.03
N GLN A 87 -60.08 -37.57 20.54
CA GLN A 87 -60.30 -37.79 19.08
C GLN A 87 -61.58 -37.09 18.64
N SER A 88 -62.60 -37.05 19.50
CA SER A 88 -63.90 -36.40 19.17
C SER A 88 -63.68 -34.91 18.92
N THR A 89 -62.78 -34.26 19.68
CA THR A 89 -62.60 -32.79 19.56
C THR A 89 -62.17 -32.42 18.13
N GLN A 90 -61.33 -33.24 17.50
CA GLN A 90 -60.84 -32.94 16.13
C GLN A 90 -61.97 -32.39 15.25
N MET A 91 -63.09 -33.11 15.13
CA MET A 91 -64.21 -32.68 14.25
C MET A 91 -65.26 -31.90 15.06
N SER A 92 -65.02 -31.73 16.37
CA SER A 92 -66.00 -31.05 17.26
C SER A 92 -65.90 -29.53 17.14
N GLU A 93 -66.83 -28.80 17.77
CA GLU A 93 -66.80 -27.31 17.76
C GLU A 93 -66.84 -26.77 16.33
N ALA A 94 -67.80 -27.25 15.52
CA ALA A 94 -67.94 -26.78 14.12
C ALA A 94 -66.64 -27.01 13.36
N ASP A 95 -66.03 -28.19 13.53
CA ASP A 95 -64.75 -28.52 12.85
C ASP A 95 -63.67 -27.53 13.31
N LYS A 96 -63.74 -27.08 14.57
CA LYS A 96 -62.71 -26.19 15.15
C LYS A 96 -62.78 -24.78 14.53
N ARG A 97 -63.88 -24.44 13.86
CA ARG A 97 -63.96 -23.13 13.16
C ARG A 97 -63.92 -21.95 14.16
N ALA A 98 -64.60 -22.07 15.30
CA ALA A 98 -64.70 -20.93 16.25
C ALA A 98 -63.32 -20.53 16.80
N MET A 99 -62.58 -21.48 17.36
CA MET A 99 -61.28 -21.17 17.94
C MET A 99 -60.22 -20.98 16.86
N PHE A 100 -60.48 -21.42 15.63
CA PHE A 100 -59.70 -20.90 14.51
C PHE A 100 -59.92 -19.40 14.32
N ALA A 101 -61.15 -18.91 14.50
CA ALA A 101 -61.35 -17.46 14.45
C ALA A 101 -60.64 -16.77 15.60
N LYS A 102 -60.64 -17.38 16.79
CA LYS A 102 -59.88 -16.84 17.91
C LYS A 102 -58.39 -16.79 17.59
N LEU A 103 -57.88 -17.86 16.98
CA LEU A 103 -56.49 -17.89 16.54
C LEU A 103 -56.22 -16.79 15.54
N GLU A 104 -57.13 -16.56 14.59
CA GLU A 104 -56.95 -15.51 13.60
C GLU A 104 -56.90 -14.14 14.26
N GLU A 105 -57.75 -13.90 15.26
CA GLU A 105 -57.70 -12.65 16.00
C GLU A 105 -56.36 -12.48 16.70
N GLU A 106 -55.88 -13.55 17.35
CA GLU A 106 -54.58 -13.50 17.99
C GLU A 106 -53.48 -13.23 16.98
N MET A 107 -53.60 -13.80 15.79
CA MET A 107 -52.60 -13.61 14.74
C MET A 107 -52.60 -12.15 14.29
N THR A 108 -53.77 -11.56 14.15
CA THR A 108 -53.84 -10.14 13.79
C THR A 108 -53.21 -9.26 14.87
N THR A 109 -53.47 -9.58 16.14
CA THR A 109 -52.82 -8.82 17.21
C THR A 109 -51.31 -8.96 17.17
N TYR A 110 -50.82 -10.18 16.94
CA TYR A 110 -49.39 -10.40 16.85
C TYR A 110 -48.78 -9.68 15.67
N ALA A 111 -49.49 -9.64 14.54
CA ALA A 111 -49.01 -8.90 13.37
C ALA A 111 -48.95 -7.40 13.66
N TYR A 112 -49.96 -6.87 14.36
CA TYR A 112 -49.93 -5.47 14.76
C TYR A 112 -48.71 -5.19 15.62
N TYR A 113 -48.43 -6.05 16.59
CA TYR A 113 -47.26 -5.85 17.43
C TYR A 113 -45.98 -5.98 16.62
N TYR A 114 -45.98 -6.89 15.64
CA TYR A 114 -44.82 -7.06 14.77
C TYR A 114 -44.50 -5.79 14.01
N THR A 115 -45.52 -5.21 13.36
CA THR A 115 -45.27 -4.00 12.58
C THR A 115 -44.96 -2.81 13.47
N GLY A 116 -45.51 -2.78 14.69
CA GLY A 116 -45.10 -1.75 15.63
C GLY A 116 -43.63 -1.85 16.00
N ILE A 117 -43.16 -3.07 16.27
CA ILE A 117 -41.74 -3.28 16.54
C ILE A 117 -40.91 -2.89 15.32
N GLY A 118 -41.40 -3.20 14.13
CA GLY A 118 -40.67 -2.82 12.92
C GLY A 118 -40.53 -1.31 12.78
N ALA A 119 -41.61 -0.58 13.04
CA ALA A 119 -41.54 0.88 13.01
C ALA A 119 -40.57 1.40 14.06
N GLY A 120 -40.60 0.80 15.26
CA GLY A 120 -39.64 1.19 16.28
C GLY A 120 -38.21 0.96 15.84
N VAL A 121 -37.95 -0.16 15.18
CA VAL A 121 -36.61 -0.45 14.67
C VAL A 121 -36.19 0.60 13.65
N LEU A 122 -37.17 1.05 12.86
CA LEU A 122 -36.86 2.07 11.84
C LEU A 122 -36.69 3.41 12.56
N ILE A 123 -37.56 3.72 13.51
CA ILE A 123 -37.42 5.06 14.14
C ILE A 123 -36.07 5.11 14.85
N VAL A 124 -35.74 4.07 15.63
CA VAL A 124 -34.48 4.13 16.42
C VAL A 124 -33.28 4.12 15.49
N ALA A 125 -33.34 3.34 14.41
CA ALA A 125 -32.14 3.23 13.56
C ALA A 125 -31.78 4.61 12.98
N TYR A 126 -32.78 5.35 12.49
CA TYR A 126 -32.43 6.64 11.85
C TYR A 126 -31.58 7.44 12.82
N ILE A 127 -32.06 7.61 14.05
CA ILE A 127 -31.32 8.46 15.02
C ILE A 127 -29.97 7.83 15.36
N GLN A 128 -29.91 6.51 15.56
CA GLN A 128 -28.61 5.97 16.04
C GLN A 128 -27.51 6.20 15.00
N VAL A 129 -27.74 5.83 13.75
CA VAL A 129 -26.60 6.00 12.81
C VAL A 129 -26.36 7.49 12.55
N SER A 130 -27.43 8.25 12.33
CA SER A 130 -27.22 9.66 11.93
C SER A 130 -26.50 10.43 13.04
N PHE A 131 -26.98 10.30 14.28
CA PHE A 131 -26.37 11.15 15.33
C PHE A 131 -24.91 10.75 15.56
N TRP A 132 -24.63 9.44 15.61
CA TRP A 132 -23.24 9.08 15.95
C TRP A 132 -22.34 9.64 14.86
N ALA A 133 -22.74 9.46 13.61
CA ALA A 133 -21.92 9.98 12.48
C ALA A 133 -21.89 11.50 12.51
N LEU A 134 -23.03 12.12 12.82
CA LEU A 134 -23.09 13.61 12.79
C LEU A 134 -22.10 14.13 13.81
N ALA A 135 -22.08 13.51 14.99
CA ALA A 135 -21.19 14.02 16.05
C ALA A 135 -19.76 13.88 15.55
N ALA A 136 -19.46 12.73 14.95
CA ALA A 136 -18.08 12.52 14.48
C ALA A 136 -17.80 13.57 13.42
N GLY A 137 -18.76 13.82 12.54
CA GLY A 137 -18.56 14.80 11.47
C GLY A 137 -18.09 16.09 12.08
N ARG A 138 -18.77 16.52 13.15
CA ARG A 138 -18.40 17.76 13.83
C ARG A 138 -17.09 17.59 14.59
N GLN A 139 -16.90 16.44 15.23
CA GLN A 139 -15.65 16.17 15.93
C GLN A 139 -14.47 16.21 14.96
N ILE A 140 -14.62 15.58 13.80
CA ILE A 140 -13.53 15.57 12.83
C ILE A 140 -13.28 16.97 12.28
N HIS A 141 -14.36 17.72 12.03
CA HIS A 141 -14.21 19.10 11.56
C HIS A 141 -13.41 19.94 12.54
N LYS A 142 -13.69 19.79 13.83
CA LYS A 142 -12.91 20.52 14.82
C LYS A 142 -11.48 20.02 14.89
N ILE A 143 -11.30 18.70 14.93
CA ILE A 143 -10.00 18.13 15.23
C ILE A 143 -9.01 18.37 14.09
N ARG A 144 -9.49 18.30 12.84
CA ARG A 144 -8.58 18.49 11.71
C ARG A 144 -8.13 19.94 11.63
N GLN A 145 -9.04 20.89 11.87
CA GLN A 145 -8.66 22.29 11.88
C GLN A 145 -7.67 22.57 13.01
N LYS A 146 -7.93 22.01 14.20
CA LYS A 146 -6.99 22.19 15.31
C LYS A 146 -5.63 21.60 14.99
N PHE A 147 -5.61 20.42 14.36
CA PHE A 147 -4.35 19.78 14.01
C PHE A 147 -3.58 20.62 13.00
N PHE A 148 -4.27 21.14 11.99
CA PHE A 148 -3.60 22.00 11.01
C PHE A 148 -3.05 23.25 11.67
N HIS A 149 -3.84 23.87 12.54
CA HIS A 149 -3.38 25.08 13.21
C HIS A 149 -2.13 24.81 14.05
N ALA A 150 -2.14 23.70 14.79
CA ALA A 150 -1.00 23.37 15.64
C ALA A 150 0.23 23.04 14.80
N ILE A 151 0.06 22.21 13.77
CA ILE A 151 1.21 21.76 12.99
C ILE A 151 1.82 22.92 12.20
N MET A 152 0.99 23.84 11.71
CA MET A 152 1.53 24.98 10.98
C MET A 152 2.03 26.04 11.93
N ASN A 153 1.60 26.00 13.19
CA ASN A 153 2.13 26.86 14.24
C ASN A 153 3.38 26.28 14.89
N GLN A 154 3.76 25.05 14.56
CA GLN A 154 4.93 24.44 15.18
C GLN A 154 6.22 25.09 14.66
N GLU A 155 7.29 24.88 15.42
CA GLU A 155 8.58 25.46 15.09
C GLU A 155 9.30 24.60 14.04
N ILE A 156 10.20 25.24 13.30
CA ILE A 156 10.83 24.60 12.14
C ILE A 156 11.66 23.39 12.56
N GLY A 157 12.29 23.45 13.73
CA GLY A 157 13.11 22.34 14.19
C GLY A 157 12.32 21.05 14.33
N TRP A 158 11.05 21.16 14.73
CA TRP A 158 10.20 19.97 14.77
C TRP A 158 10.03 19.36 13.39
N PHE A 159 9.85 20.21 12.38
CA PHE A 159 9.76 19.71 11.01
C PHE A 159 11.10 19.12 10.56
N ASP A 160 12.20 19.64 11.08
CA ASP A 160 13.52 19.20 10.64
C ASP A 160 13.76 17.73 10.96
N VAL A 161 13.35 17.28 12.14
CA VAL A 161 13.56 15.90 12.56
C VAL A 161 12.45 15.04 11.98
N HIS A 162 11.54 15.68 11.23
CA HIS A 162 10.49 14.95 10.54
C HIS A 162 10.64 15.11 9.03
N ASP A 163 9.65 14.64 8.28
CA ASP A 163 9.64 14.74 6.83
C ASP A 163 8.47 15.61 6.39
N VAL A 164 8.22 15.66 5.08
CA VAL A 164 7.17 16.51 4.55
C VAL A 164 5.97 15.69 4.11
N GLY A 165 6.20 14.62 3.35
CA GLY A 165 5.10 13.79 2.88
C GLY A 165 4.43 13.00 3.99
N GLU A 166 5.21 12.47 4.93
CA GLU A 166 4.65 11.55 5.91
C GLU A 166 3.76 12.28 6.90
N LEU A 167 4.01 13.58 7.12
CA LEU A 167 3.05 14.38 7.90
C LEU A 167 1.68 14.37 7.25
N ASN A 168 1.63 14.62 5.93
CA ASN A 168 0.36 14.64 5.22
C ASN A 168 -0.29 13.26 5.22
N THR A 169 0.51 12.21 5.00
CA THR A 169 -0.03 10.86 5.01
C THR A 169 -0.62 10.50 6.37
N ARG A 170 0.11 10.82 7.44
CA ARG A 170 -0.39 10.56 8.78
C ARG A 170 -1.67 11.34 9.05
N LEU A 171 -1.68 12.62 8.72
CA LEU A 171 -2.90 13.42 8.83
C LEU A 171 -4.07 12.70 8.15
N THR A 172 -3.91 12.40 6.85
CA THR A 172 -5.03 11.88 6.08
C THR A 172 -5.54 10.56 6.63
N ASP A 173 -4.64 9.58 6.79
CA ASP A 173 -5.11 8.25 7.16
C ASP A 173 -5.60 8.22 8.61
N ASP A 174 -4.92 8.93 9.51
CA ASP A 174 -5.36 8.94 10.90
C ASP A 174 -6.73 9.60 11.03
N VAL A 175 -6.95 10.75 10.38
CA VAL A 175 -8.26 11.38 10.51
C VAL A 175 -9.35 10.53 9.85
N SER A 176 -9.02 9.87 8.74
CA SER A 176 -10.01 9.00 8.12
C SER A 176 -10.39 7.85 9.03
N LYS A 177 -9.40 7.22 9.67
CA LYS A 177 -9.69 6.11 10.58
C LYS A 177 -10.51 6.58 11.77
N ILE A 178 -10.14 7.71 12.36
CA ILE A 178 -10.89 8.24 13.50
C ILE A 178 -12.32 8.55 13.10
N ASN A 179 -12.49 9.18 11.94
CA ASN A 179 -13.83 9.50 11.45
C ASN A 179 -14.68 8.24 11.32
N GLU A 180 -14.17 7.24 10.60
CA GLU A 180 -14.94 6.02 10.38
C GLU A 180 -15.28 5.35 11.69
N GLY A 181 -14.28 5.17 12.56
CA GLY A 181 -14.48 4.53 13.84
C GLY A 181 -15.53 5.23 14.68
N ILE A 182 -15.24 6.45 15.11
CA ILE A 182 -16.12 7.14 16.05
C ILE A 182 -17.40 7.60 15.34
N GLY A 183 -17.51 7.32 14.05
CA GLY A 183 -18.76 7.61 13.36
C GLY A 183 -19.73 6.46 13.38
N ASP A 184 -19.28 5.26 13.02
CA ASP A 184 -20.20 4.15 12.90
C ASP A 184 -19.86 2.95 13.76
N LYS A 185 -18.57 2.67 13.99
CA LYS A 185 -18.20 1.39 14.59
C LYS A 185 -18.59 1.34 16.05
N ILE A 186 -18.43 2.44 16.78
CA ILE A 186 -18.79 2.46 18.19
C ILE A 186 -20.30 2.31 18.37
N GLY A 187 -21.07 2.96 17.50
CA GLY A 187 -22.52 2.82 17.57
C GLY A 187 -22.96 1.40 17.28
N MET A 188 -22.39 0.80 16.24
CA MET A 188 -22.71 -0.59 15.94
C MET A 188 -22.28 -1.53 17.06
N PHE A 189 -21.15 -1.23 17.71
CA PHE A 189 -20.67 -2.07 18.79
C PHE A 189 -21.61 -2.02 19.99
N PHE A 190 -22.08 -0.81 20.33
CA PHE A 190 -23.08 -0.71 21.38
C PHE A 190 -24.38 -1.42 21.00
N GLN A 191 -24.78 -1.31 19.73
CA GLN A 191 -25.95 -2.05 19.27
C GLN A 191 -25.78 -3.54 19.51
N ALA A 192 -24.65 -4.10 19.09
CA ALA A 192 -24.42 -5.53 19.23
C ALA A 192 -24.33 -5.94 20.71
N MET A 193 -23.65 -5.12 21.52
CA MET A 193 -23.54 -5.43 22.93
C MET A 193 -24.90 -5.45 23.60
N ALA A 194 -25.77 -4.49 23.25
CA ALA A 194 -27.12 -4.47 23.80
C ALA A 194 -27.93 -5.65 23.31
N THR A 195 -27.74 -6.05 22.05
CA THR A 195 -28.44 -7.23 21.54
C THR A 195 -28.08 -8.46 22.35
N PHE A 196 -26.77 -8.68 22.55
CA PHE A 196 -26.33 -9.82 23.34
C PHE A 196 -26.85 -9.74 24.77
N PHE A 197 -26.80 -8.55 25.38
CA PHE A 197 -27.36 -8.40 26.71
C PHE A 197 -28.83 -8.80 26.74
N GLY A 198 -29.69 -8.10 25.99
CA GLY A 198 -31.12 -8.40 26.04
C GLY A 198 -31.40 -9.87 25.80
N GLY A 199 -30.67 -10.49 24.88
CA GLY A 199 -30.77 -11.93 24.72
C GLY A 199 -30.49 -12.65 26.02
N PHE A 200 -29.48 -12.20 26.77
CA PHE A 200 -29.16 -12.89 28.01
C PHE A 200 -30.02 -12.47 29.20
N ILE A 201 -30.69 -11.31 29.15
CA ILE A 201 -31.75 -11.06 30.13
C ILE A 201 -32.90 -12.05 29.93
N ILE A 202 -33.26 -12.32 28.68
CA ILE A 202 -34.19 -13.44 28.45
C ILE A 202 -33.56 -14.74 28.94
N GLY A 203 -32.27 -14.91 28.67
CA GLY A 203 -31.54 -16.09 29.04
C GLY A 203 -31.45 -16.33 30.53
N PHE A 204 -31.59 -15.31 31.35
CA PHE A 204 -31.54 -15.53 32.80
C PHE A 204 -32.51 -16.63 33.22
N THR A 205 -33.81 -16.40 33.02
CA THR A 205 -34.79 -17.45 33.30
C THR A 205 -34.70 -18.59 32.29
N ARG A 206 -35.02 -18.29 31.03
CA ARG A 206 -35.10 -19.36 30.00
C ARG A 206 -33.83 -20.20 30.02
N GLY A 207 -32.75 -19.67 30.62
CA GLY A 207 -31.48 -20.38 30.64
C GLY A 207 -31.12 -20.96 31.99
N TRP A 208 -32.08 -21.02 32.92
CA TRP A 208 -31.77 -21.69 34.21
C TRP A 208 -31.38 -23.13 33.87
N LYS A 209 -32.09 -23.76 32.94
CA LYS A 209 -31.72 -25.12 32.48
C LYS A 209 -31.03 -25.01 31.11
N LEU A 210 -31.62 -24.27 30.17
CA LEU A 210 -31.07 -24.20 28.79
C LEU A 210 -29.69 -23.51 28.72
N THR A 211 -29.50 -22.36 29.38
CA THR A 211 -28.22 -21.63 29.22
C THR A 211 -27.09 -22.49 29.80
N LEU A 212 -27.34 -23.17 30.91
CA LEU A 212 -26.34 -24.08 31.45
C LEU A 212 -25.73 -24.92 30.33
N VAL A 213 -26.56 -25.69 29.63
CA VAL A 213 -26.04 -26.59 28.62
C VAL A 213 -25.52 -25.83 27.40
N ILE A 214 -26.25 -24.81 26.93
CA ILE A 214 -25.83 -24.19 25.67
C ILE A 214 -24.54 -23.38 25.87
N LEU A 215 -24.45 -22.62 26.95
CA LEU A 215 -23.26 -21.84 27.25
C LEU A 215 -22.19 -22.67 27.93
N ALA A 216 -22.43 -23.95 28.20
CA ALA A 216 -21.35 -24.86 28.53
C ALA A 216 -20.76 -25.54 27.30
N ILE A 217 -21.58 -25.76 26.26
CA ILE A 217 -21.04 -26.33 25.03
C ILE A 217 -20.41 -25.27 24.14
N SER A 218 -20.82 -24.00 24.28
CA SER A 218 -20.18 -22.93 23.53
C SER A 218 -18.67 -22.81 23.79
N PRO A 219 -18.18 -22.87 25.03
CA PRO A 219 -16.72 -22.79 25.23
C PRO A 219 -15.96 -23.92 24.54
N VAL A 220 -16.59 -25.08 24.35
CA VAL A 220 -15.93 -26.14 23.57
C VAL A 220 -15.71 -25.67 22.14
N LEU A 221 -16.73 -25.03 21.55
CA LEU A 221 -16.58 -24.44 20.23
C LEU A 221 -15.47 -23.40 20.22
N GLY A 222 -15.43 -22.53 21.23
CA GLY A 222 -14.40 -21.50 21.27
C GLY A 222 -13.00 -22.09 21.36
N LEU A 223 -12.82 -23.09 22.23
CA LEU A 223 -11.51 -23.70 22.40
C LEU A 223 -11.07 -24.44 21.14
N SER A 224 -11.99 -25.16 20.50
CA SER A 224 -11.65 -25.84 19.26
C SER A 224 -11.27 -24.84 18.18
N ALA A 225 -12.03 -23.76 18.05
CA ALA A 225 -11.69 -22.74 17.07
C ALA A 225 -10.32 -22.15 17.35
N GLY A 226 -10.02 -21.89 18.63
CA GLY A 226 -8.73 -21.31 18.97
C GLY A 226 -7.57 -22.24 18.65
N ILE A 227 -7.70 -23.52 19.01
CA ILE A 227 -6.61 -24.45 18.77
C ILE A 227 -6.42 -24.67 17.26
N TRP A 228 -7.52 -24.78 16.51
CA TRP A 228 -7.39 -24.94 15.07
C TRP A 228 -6.78 -23.71 14.42
N ALA A 229 -7.15 -22.52 14.89
CA ALA A 229 -6.55 -21.30 14.36
C ALA A 229 -5.06 -21.24 14.68
N LYS A 230 -4.67 -21.67 15.88
CA LYS A 230 -3.26 -21.71 16.23
C LYS A 230 -2.49 -22.67 15.32
N ILE A 231 -3.05 -23.85 15.07
CA ILE A 231 -2.39 -24.81 14.19
C ILE A 231 -2.28 -24.26 12.78
N LEU A 232 -3.35 -23.60 12.30
CA LEU A 232 -3.32 -23.01 10.97
C LEU A 232 -2.27 -21.92 10.87
N SER A 233 -2.16 -21.08 11.90
CA SER A 233 -1.15 -20.02 11.90
C SER A 233 0.25 -20.61 11.90
N SER A 234 0.47 -21.67 12.70
CA SER A 234 1.78 -22.32 12.71
C SER A 234 2.12 -22.89 11.33
N PHE A 235 1.15 -23.52 10.68
CA PHE A 235 1.38 -24.07 9.34
C PHE A 235 1.65 -22.95 8.34
N THR A 236 0.95 -21.83 8.46
CA THR A 236 1.17 -20.70 7.57
C THR A 236 2.58 -20.14 7.73
N ASP A 237 3.03 -19.99 8.97
CA ASP A 237 4.40 -19.52 9.21
C ASP A 237 5.42 -20.51 8.66
N LYS A 238 5.16 -21.81 8.84
CA LYS A 238 6.07 -22.82 8.33
C LYS A 238 6.18 -22.75 6.81
N GLU A 239 5.03 -22.63 6.12
CA GLU A 239 5.08 -22.58 4.67
C GLU A 239 5.70 -21.27 4.18
N LEU A 240 5.49 -20.18 4.92
CA LEU A 240 6.16 -18.92 4.57
C LEU A 240 7.67 -19.05 4.67
N HIS A 241 8.16 -19.65 5.76
CA HIS A 241 9.60 -19.84 5.91
C HIS A 241 10.14 -20.85 4.89
N ALA A 242 9.31 -21.79 4.46
CA ALA A 242 9.74 -22.71 3.40
C ALA A 242 9.87 -21.99 2.07
N TYR A 243 8.88 -21.18 1.71
CA TYR A 243 8.91 -20.42 0.46
C TYR A 243 9.90 -19.27 0.50
N ALA A 244 10.41 -18.93 1.69
CA ALA A 244 11.40 -17.86 1.79
C ALA A 244 12.64 -18.15 0.95
N LYS A 245 13.09 -19.41 0.94
CA LYS A 245 14.26 -19.76 0.14
C LYS A 245 13.99 -19.57 -1.35
N ALA A 246 12.81 -19.98 -1.81
CA ALA A 246 12.46 -19.75 -3.21
C ALA A 246 12.40 -18.27 -3.53
N GLY A 247 11.82 -17.48 -2.63
CA GLY A 247 11.79 -16.04 -2.84
C GLY A 247 13.18 -15.43 -2.90
N ALA A 248 14.08 -15.89 -2.03
CA ALA A 248 15.44 -15.36 -2.01
C ALA A 248 16.19 -15.72 -3.28
N VAL A 249 16.07 -16.97 -3.75
CA VAL A 249 16.77 -17.34 -4.96
C VAL A 249 16.19 -16.60 -6.16
N ALA A 250 14.88 -16.38 -6.17
CA ALA A 250 14.28 -15.59 -7.23
C ALA A 250 14.82 -14.16 -7.22
N GLU A 251 14.90 -13.56 -6.04
CA GLU A 251 15.43 -12.21 -5.93
C GLU A 251 16.86 -12.14 -6.44
N GLU A 252 17.71 -13.08 -6.03
CA GLU A 252 19.11 -13.00 -6.40
C GLU A 252 19.32 -13.27 -7.89
N VAL A 253 18.52 -14.18 -8.47
CA VAL A 253 18.69 -14.44 -9.90
C VAL A 253 18.14 -13.27 -10.71
N LEU A 254 17.08 -12.61 -10.24
CA LEU A 254 16.53 -11.49 -10.99
C LEU A 254 17.39 -10.24 -10.86
N ALA A 255 18.10 -10.09 -9.74
CA ALA A 255 18.91 -8.89 -9.54
C ALA A 255 20.03 -8.80 -10.58
N ALA A 256 20.70 -9.92 -10.86
CA ALA A 256 21.78 -9.98 -11.83
C ALA A 256 21.34 -10.73 -13.08
N ILE A 257 20.09 -10.52 -13.48
CA ILE A 257 19.52 -11.29 -14.60
C ILE A 257 20.27 -10.98 -15.89
N ARG A 258 20.89 -9.81 -15.99
CA ARG A 258 21.71 -9.53 -17.16
C ARG A 258 22.84 -10.53 -17.29
N THR A 259 23.49 -10.87 -16.18
CA THR A 259 24.50 -11.91 -16.21
C THR A 259 23.91 -13.25 -16.62
N VAL A 260 22.70 -13.51 -16.12
CA VAL A 260 22.05 -14.81 -16.41
C VAL A 260 21.87 -14.91 -17.92
N ILE A 261 21.31 -13.85 -18.51
CA ILE A 261 21.01 -13.90 -19.98
C ILE A 261 22.33 -13.81 -20.75
N ALA A 262 23.41 -13.42 -20.07
CA ALA A 262 24.72 -13.28 -20.75
C ALA A 262 25.34 -14.67 -20.81
N PHE A 263 25.04 -15.49 -19.82
CA PHE A 263 25.49 -16.87 -19.81
C PHE A 263 24.42 -17.85 -20.30
N GLY A 264 23.17 -17.41 -20.42
CA GLY A 264 22.09 -18.28 -20.86
C GLY A 264 21.87 -19.46 -19.94
N GLY A 265 21.85 -19.19 -18.64
CA GLY A 265 21.77 -20.26 -17.65
C GLY A 265 20.35 -20.59 -17.22
N GLN A 266 19.35 -20.13 -17.97
CA GLN A 266 17.97 -20.35 -17.57
C GLN A 266 17.65 -21.84 -17.50
N LYS A 267 18.12 -22.61 -18.48
CA LYS A 267 17.97 -24.07 -18.42
C LYS A 267 18.72 -24.60 -17.21
N LYS A 268 19.96 -24.15 -17.01
CA LYS A 268 20.72 -24.53 -15.83
C LYS A 268 20.11 -23.91 -14.57
N GLU A 269 19.29 -22.87 -14.73
CA GLU A 269 18.58 -22.30 -13.59
C GLU A 269 17.34 -23.12 -13.26
N LEU A 270 16.65 -22.69 -12.20
CA LEU A 270 15.29 -23.12 -11.85
C LEU A 270 15.22 -24.49 -11.18
N GLU A 271 16.32 -25.26 -11.16
CA GLU A 271 16.29 -26.52 -10.42
C GLU A 271 16.18 -26.28 -8.92
N ARG A 272 16.96 -25.34 -8.39
CA ARG A 272 16.76 -24.96 -6.99
C ARG A 272 15.38 -24.37 -6.79
N TYR A 273 14.93 -23.54 -7.74
CA TYR A 273 13.58 -23.01 -7.67
C TYR A 273 12.55 -24.12 -7.71
N ASN A 274 12.75 -25.11 -8.59
CA ASN A 274 11.80 -26.21 -8.69
C ASN A 274 11.74 -27.01 -7.40
N ASN A 275 12.90 -27.31 -6.80
CA ASN A 275 12.91 -28.07 -5.56
C ASN A 275 12.28 -27.29 -4.41
N ASN A 276 12.59 -26.00 -4.30
CA ASN A 276 11.99 -25.18 -3.26
C ASN A 276 10.48 -25.11 -3.44
N LEU A 277 10.01 -24.99 -4.68
CA LEU A 277 8.57 -24.97 -4.91
C LEU A 277 7.95 -26.32 -4.60
N GLU A 278 8.68 -27.42 -4.85
CA GLU A 278 8.19 -28.74 -4.49
C GLU A 278 7.97 -28.85 -2.99
N GLU A 279 8.96 -28.40 -2.21
CA GLU A 279 8.82 -28.44 -0.76
C GLU A 279 7.70 -27.52 -0.29
N ALA A 280 7.59 -26.34 -0.90
CA ALA A 280 6.54 -25.40 -0.54
C ALA A 280 5.16 -25.99 -0.82
N LYS A 281 5.04 -26.66 -1.97
CA LYS A 281 3.75 -27.28 -2.37
C LYS A 281 3.38 -28.36 -1.36
N ARG A 282 4.35 -29.19 -0.97
CA ARG A 282 4.08 -30.32 -0.03
C ARG A 282 3.60 -29.74 1.31
N LEU A 283 4.23 -28.66 1.78
CA LEU A 283 3.82 -28.02 3.07
C LEU A 283 2.44 -27.38 2.87
N GLY A 284 2.20 -26.76 1.70
CA GLY A 284 0.91 -26.16 1.46
C GLY A 284 -0.23 -27.15 1.40
N ILE A 285 0.06 -28.37 0.95
CA ILE A 285 -0.95 -29.43 0.99
C ILE A 285 -1.41 -29.66 2.43
N LYS A 286 -0.44 -29.79 3.35
CA LYS A 286 -0.77 -29.96 4.75
C LYS A 286 -1.50 -28.74 5.30
N LYS A 287 -1.09 -27.54 4.87
CA LYS A 287 -1.74 -26.33 5.34
C LYS A 287 -3.22 -26.31 4.93
N ALA A 288 -3.49 -26.62 3.66
CA ALA A 288 -4.87 -26.64 3.18
C ALA A 288 -5.68 -27.73 3.88
N ILE A 289 -5.07 -28.90 4.08
CA ILE A 289 -5.76 -29.97 4.80
C ILE A 289 -6.12 -29.51 6.21
N THR A 290 -5.18 -28.83 6.89
CA THR A 290 -5.43 -28.36 8.25
C THR A 290 -6.56 -27.33 8.27
N ALA A 291 -6.55 -26.39 7.33
CA ALA A 291 -7.61 -25.39 7.29
C ALA A 291 -8.97 -26.04 7.05
N ASN A 292 -9.04 -26.95 6.08
CA ASN A 292 -10.31 -27.57 5.75
C ASN A 292 -10.82 -28.43 6.90
N ILE A 293 -9.93 -29.18 7.56
CA ILE A 293 -10.38 -30.00 8.69
C ILE A 293 -10.78 -29.12 9.86
N SER A 294 -10.14 -27.96 10.04
CA SER A 294 -10.57 -27.03 11.06
C SER A 294 -11.99 -26.55 10.80
N MET A 295 -12.26 -26.15 9.56
CA MET A 295 -13.60 -25.69 9.22
C MET A 295 -14.62 -26.81 9.38
N GLY A 296 -14.26 -28.03 8.96
CA GLY A 296 -15.18 -29.15 9.11
C GLY A 296 -15.47 -29.47 10.56
N ALA A 297 -14.44 -29.39 11.41
CA ALA A 297 -14.67 -29.56 12.85
C ALA A 297 -15.57 -28.45 13.38
N ALA A 298 -15.44 -27.24 12.84
CA ALA A 298 -16.35 -26.17 13.24
C ALA A 298 -17.79 -26.55 12.93
N PHE A 299 -18.04 -27.03 11.71
CA PHE A 299 -19.38 -27.50 11.36
C PHE A 299 -19.84 -28.60 12.29
N LEU A 300 -18.95 -29.56 12.59
CA LEU A 300 -19.34 -30.70 13.40
C LEU A 300 -19.71 -30.28 14.81
N LEU A 301 -18.94 -29.38 15.41
CA LEU A 301 -19.30 -28.88 16.74
C LEU A 301 -20.60 -28.08 16.70
N ILE A 302 -20.81 -27.28 15.66
CA ILE A 302 -22.09 -26.57 15.53
C ILE A 302 -23.24 -27.57 15.53
N TYR A 303 -23.13 -28.61 14.72
CA TYR A 303 -24.24 -29.54 14.57
C TYR A 303 -24.44 -30.37 15.84
N ALA A 304 -23.34 -30.73 16.51
CA ALA A 304 -23.46 -31.44 17.77
C ALA A 304 -24.14 -30.58 18.83
N SER A 305 -23.81 -29.29 18.87
CA SER A 305 -24.48 -28.38 19.79
C SER A 305 -25.97 -28.32 19.49
N TYR A 306 -26.32 -28.18 18.20
CA TYR A 306 -27.73 -28.21 17.80
C TYR A 306 -28.42 -29.48 18.31
N ALA A 307 -27.81 -30.63 18.06
CA ALA A 307 -28.43 -31.91 18.40
C ALA A 307 -28.62 -32.04 19.90
N LEU A 308 -27.59 -31.73 20.68
CA LEU A 308 -27.70 -31.87 22.13
C LEU A 308 -28.71 -30.88 22.70
N ALA A 309 -28.71 -29.65 22.21
CA ALA A 309 -29.67 -28.66 22.69
C ALA A 309 -31.10 -29.10 22.41
N PHE A 310 -31.36 -29.58 21.20
CA PHE A 310 -32.72 -30.03 20.89
C PHE A 310 -33.08 -31.29 21.65
N TRP A 311 -32.13 -32.19 21.89
CA TRP A 311 -32.44 -33.38 22.70
C TRP A 311 -32.87 -32.97 24.10
N TYR A 312 -32.10 -32.09 24.74
CA TYR A 312 -32.46 -31.66 26.08
C TYR A 312 -33.77 -30.89 26.08
N GLY A 313 -34.01 -30.06 25.06
CA GLY A 313 -35.27 -29.32 25.00
C GLY A 313 -36.46 -30.23 24.81
N THR A 314 -36.32 -31.24 23.96
CA THR A 314 -37.40 -32.21 23.78
C THR A 314 -37.68 -32.96 25.06
N SER A 315 -36.63 -33.35 25.80
CA SER A 315 -36.86 -33.99 27.09
C SER A 315 -37.60 -33.04 28.04
N LEU A 316 -37.19 -31.78 28.08
CA LEU A 316 -37.80 -30.83 29.00
C LEU A 316 -39.27 -30.59 28.67
N VAL A 317 -39.60 -30.46 27.39
CA VAL A 317 -41.00 -30.24 27.01
C VAL A 317 -41.81 -31.52 27.22
N ILE A 318 -41.17 -32.69 27.02
CA ILE A 318 -41.86 -33.94 27.30
C ILE A 318 -42.11 -34.14 28.79
N SER A 319 -41.35 -33.44 29.64
CA SER A 319 -41.62 -33.50 31.08
C SER A 319 -43.03 -33.05 31.41
N LYS A 320 -43.66 -32.27 30.52
CA LYS A 320 -45.04 -31.88 30.67
C LYS A 320 -45.27 -30.54 31.33
N GLU A 321 -44.28 -29.98 32.00
CA GLU A 321 -44.40 -28.67 32.63
C GLU A 321 -43.95 -27.54 31.73
N TYR A 322 -43.61 -27.82 30.48
CA TYR A 322 -42.95 -26.85 29.61
C TYR A 322 -43.51 -26.96 28.20
N SER A 323 -43.38 -25.86 27.45
CA SER A 323 -43.78 -25.83 26.05
C SER A 323 -42.55 -25.68 25.15
N ILE A 324 -42.63 -26.31 23.98
CA ILE A 324 -41.47 -26.35 23.07
C ILE A 324 -41.13 -24.95 22.57
N GLY A 325 -42.12 -24.06 22.53
CA GLY A 325 -41.88 -22.72 22.02
C GLY A 325 -40.87 -21.96 22.86
N GLN A 326 -40.91 -22.14 24.18
CA GLN A 326 -39.94 -21.47 25.04
C GLN A 326 -38.53 -21.99 24.78
N VAL A 327 -38.38 -23.32 24.61
CA VAL A 327 -37.09 -23.87 24.24
C VAL A 327 -36.59 -23.26 22.94
N LEU A 328 -37.48 -23.20 21.94
CA LEU A 328 -37.07 -22.69 20.64
C LEU A 328 -36.66 -21.23 20.75
N THR A 329 -37.40 -20.43 21.53
CA THR A 329 -37.10 -19.01 21.59
C THR A 329 -35.83 -18.73 22.37
N VAL A 330 -35.57 -19.47 23.45
CA VAL A 330 -34.31 -19.26 24.16
C VAL A 330 -33.14 -19.68 23.28
N PHE A 331 -33.29 -20.79 22.56
CA PHE A 331 -32.21 -21.27 21.71
C PHE A 331 -31.93 -20.28 20.58
N PHE A 332 -32.99 -19.76 19.96
CA PHE A 332 -32.81 -18.74 18.92
C PHE A 332 -32.20 -17.47 19.50
N SER A 333 -32.61 -17.08 20.71
CA SER A 333 -32.09 -15.86 21.31
C SER A 333 -30.61 -15.97 21.59
N VAL A 334 -30.17 -17.11 22.11
CA VAL A 334 -28.74 -17.27 22.40
C VAL A 334 -27.95 -17.38 21.09
N LEU A 335 -28.56 -17.95 20.06
CA LEU A 335 -27.89 -17.92 18.75
C LEU A 335 -27.73 -16.49 18.24
N ILE A 336 -28.77 -15.67 18.41
CA ILE A 336 -28.67 -14.27 18.00
C ILE A 336 -27.62 -13.55 18.81
N GLY A 337 -27.49 -13.90 20.09
CA GLY A 337 -26.42 -13.34 20.90
C GLY A 337 -25.05 -13.71 20.38
N ALA A 338 -24.89 -14.96 19.95
CA ALA A 338 -23.63 -15.38 19.35
C ALA A 338 -23.35 -14.61 18.06
N PHE A 339 -24.38 -14.42 17.23
CA PHE A 339 -24.24 -13.60 16.04
C PHE A 339 -23.79 -12.19 16.40
N SER A 340 -24.38 -11.62 17.44
CA SER A 340 -24.05 -10.28 17.88
C SER A 340 -22.60 -10.18 18.33
N VAL A 341 -22.15 -11.17 19.11
CA VAL A 341 -20.76 -11.16 19.56
C VAL A 341 -19.82 -11.28 18.38
N GLY A 342 -20.15 -12.14 17.42
CA GLY A 342 -19.32 -12.27 16.23
C GLY A 342 -19.25 -10.97 15.44
N GLN A 343 -20.39 -10.27 15.31
CA GLN A 343 -20.42 -9.03 14.56
C GLN A 343 -19.72 -7.89 15.30
N ALA A 344 -19.63 -7.95 16.63
CA ALA A 344 -19.02 -6.87 17.38
C ALA A 344 -17.51 -6.78 17.20
N SER A 345 -16.87 -7.85 16.72
CA SER A 345 -15.40 -7.86 16.66
C SER A 345 -14.83 -6.80 15.70
N PRO A 346 -15.30 -6.66 14.46
CA PRO A 346 -14.69 -5.65 13.59
C PRO A 346 -14.81 -4.23 14.13
N ASN A 347 -15.90 -3.91 14.82
CA ASN A 347 -16.08 -2.56 15.33
C ASN A 347 -15.09 -2.27 16.45
N ILE A 348 -14.93 -3.19 17.39
CA ILE A 348 -13.95 -2.97 18.45
C ILE A 348 -12.53 -2.97 17.89
N GLU A 349 -12.28 -3.76 16.85
CA GLU A 349 -10.97 -3.73 16.20
C GLU A 349 -10.70 -2.36 15.59
N ALA A 350 -11.69 -1.79 14.89
CA ALA A 350 -11.53 -0.47 14.31
C ALA A 350 -11.34 0.59 15.39
N PHE A 351 -12.08 0.47 16.50
CA PHE A 351 -11.91 1.41 17.60
C PHE A 351 -10.50 1.34 18.18
N ALA A 352 -10.00 0.13 18.38
CA ALA A 352 -8.64 -0.03 18.89
C ALA A 352 -7.61 0.55 17.92
N ASN A 353 -7.82 0.32 16.62
CA ASN A 353 -6.92 0.88 15.62
C ASN A 353 -6.94 2.40 15.65
N ALA A 354 -8.12 2.99 15.81
CA ALA A 354 -8.24 4.45 15.82
C ALA A 354 -7.69 5.04 17.12
N ARG A 355 -7.63 4.25 18.20
CA ARG A 355 -7.14 4.78 19.47
C ARG A 355 -5.70 5.27 19.35
N GLY A 356 -4.84 4.49 18.70
CA GLY A 356 -3.45 4.90 18.56
C GLY A 356 -3.28 6.12 17.69
N ALA A 357 -4.04 6.19 16.59
CA ALA A 357 -4.00 7.36 15.72
C ALA A 357 -4.47 8.60 16.46
N ALA A 358 -5.51 8.45 17.28
CA ALA A 358 -5.99 9.58 18.07
C ALA A 358 -4.93 10.02 19.08
N TYR A 359 -4.28 9.07 19.74
CA TYR A 359 -3.20 9.43 20.67
C TYR A 359 -2.11 10.20 19.96
N GLU A 360 -1.69 9.72 18.79
CA GLU A 360 -0.63 10.42 18.06
C GLU A 360 -1.07 11.82 17.66
N VAL A 361 -2.22 11.94 17.02
CA VAL A 361 -2.67 13.22 16.50
C VAL A 361 -2.90 14.21 17.65
N PHE A 362 -3.25 13.71 18.83
CA PHE A 362 -3.31 14.59 19.99
C PHE A 362 -1.91 14.91 20.50
N LYS A 363 -0.96 14.00 20.29
CA LYS A 363 0.41 14.27 20.72
C LYS A 363 1.05 15.39 19.91
N ILE A 364 0.71 15.50 18.62
CA ILE A 364 1.12 16.69 17.88
C ILE A 364 0.50 17.93 18.53
N ILE A 365 -0.76 17.84 18.95
CA ILE A 365 -1.42 18.93 19.65
C ILE A 365 -0.78 19.09 21.02
N ASP A 366 -0.87 20.28 21.61
CA ASP A 366 -0.49 20.61 22.98
C ASP A 366 1.01 20.70 23.19
N ASN A 367 1.82 20.49 22.16
CA ASN A 367 3.26 20.66 22.31
C ASN A 367 3.61 22.14 22.26
N LYS A 368 4.22 22.64 23.32
CA LYS A 368 4.60 24.05 23.36
C LYS A 368 5.80 24.29 22.45
N PRO A 369 5.67 25.14 21.43
CA PRO A 369 6.82 25.40 20.56
C PRO A 369 7.78 26.39 21.20
N SER A 370 8.92 26.58 20.53
CA SER A 370 9.88 27.58 20.99
C SER A 370 9.28 28.99 20.91
N ILE A 371 8.50 29.26 19.87
CA ILE A 371 7.87 30.56 19.67
C ILE A 371 6.40 30.33 19.33
N ASP A 372 5.62 31.41 19.42
CA ASP A 372 4.18 31.37 19.22
C ASP A 372 3.73 32.16 18.01
N SER A 373 4.19 33.39 17.87
CA SER A 373 3.75 34.38 16.89
C SER A 373 2.33 34.84 17.15
N PHE A 374 1.68 34.34 18.21
CA PHE A 374 0.34 34.79 18.61
C PHE A 374 0.26 35.12 20.08
N SER A 375 1.40 35.18 20.78
CA SER A 375 1.40 35.45 22.21
C SER A 375 1.01 36.89 22.49
N LYS A 376 0.48 37.11 23.69
CA LYS A 376 0.10 38.45 24.13
C LYS A 376 1.31 39.35 24.37
N SER A 377 2.46 38.78 24.70
CA SER A 377 3.69 39.55 24.93
C SER A 377 4.31 39.83 23.56
N GLY A 378 3.92 40.94 22.97
CA GLY A 378 4.35 41.28 21.63
C GLY A 378 4.77 42.73 21.45
N HIS A 379 5.37 43.32 22.48
CA HIS A 379 5.80 44.72 22.41
C HIS A 379 6.73 44.92 21.23
N LYS A 380 6.51 46.01 20.50
CA LYS A 380 7.25 46.24 19.25
C LYS A 380 7.70 47.69 19.13
N PRO A 381 8.99 47.93 18.91
CA PRO A 381 9.45 49.29 18.61
C PRO A 381 9.00 49.72 17.22
N ASP A 382 8.96 51.03 17.03
CA ASP A 382 8.50 51.63 15.77
C ASP A 382 9.65 52.34 15.07
N ASN A 383 9.74 52.11 13.75
CA ASN A 383 10.75 52.75 12.90
C ASN A 383 12.16 52.45 13.40
N ILE A 384 12.52 51.17 13.42
CA ILE A 384 13.83 50.77 13.89
C ILE A 384 14.88 51.06 12.83
N GLN A 385 16.15 51.14 13.27
CA GLN A 385 17.26 51.33 12.35
C GLN A 385 18.04 50.05 12.09
N GLY A 386 17.77 48.99 12.84
CA GLY A 386 18.45 47.72 12.62
C GLY A 386 19.94 47.73 12.92
N ASN A 387 20.34 48.35 14.04
CA ASN A 387 21.73 48.32 14.46
C ASN A 387 21.96 47.11 15.36
N LEU A 388 21.90 45.94 14.73
CA LEU A 388 22.03 44.68 15.46
C LEU A 388 23.42 44.54 16.06
N GLU A 389 23.46 43.96 17.25
CA GLU A 389 24.71 43.56 17.90
C GLU A 389 24.61 42.09 18.25
N PHE A 390 25.72 41.37 18.08
CA PHE A 390 25.78 39.93 18.27
C PHE A 390 26.84 39.61 19.31
N LYS A 391 26.54 38.67 20.21
CA LYS A 391 27.49 38.29 21.25
C LYS A 391 27.19 36.87 21.69
N ASN A 392 28.25 36.07 21.85
CA ASN A 392 28.16 34.72 22.43
C ASN A 392 27.22 33.82 21.63
N ILE A 393 27.38 33.82 20.31
CA ILE A 393 26.55 32.99 19.44
C ILE A 393 27.07 31.56 19.42
N HIS A 394 26.52 30.72 20.29
CA HIS A 394 26.89 29.30 20.33
C HIS A 394 25.64 28.49 19.99
N PHE A 395 25.54 28.05 18.75
CA PHE A 395 24.37 27.31 18.30
C PHE A 395 24.69 26.59 16.99
N SER A 396 24.00 25.47 16.78
CA SER A 396 24.15 24.66 15.58
C SER A 396 22.81 24.00 15.30
N TYR A 397 22.80 23.04 14.38
CA TYR A 397 21.57 22.33 14.06
C TYR A 397 21.07 21.60 15.31
N PRO A 398 19.82 21.82 15.73
CA PRO A 398 19.31 21.13 16.92
C PRO A 398 19.24 19.62 16.78
N SER A 399 19.25 19.09 15.55
CA SER A 399 19.20 17.65 15.36
C SER A 399 20.41 16.94 15.93
N ARG A 400 21.55 17.62 16.04
CA ARG A 400 22.77 17.04 16.59
C ARG A 400 23.33 17.95 17.65
N LYS A 401 23.78 17.36 18.76
CA LYS A 401 24.36 18.10 19.87
C LYS A 401 25.85 17.83 20.02
N GLU A 402 26.50 17.36 18.97
CA GLU A 402 27.92 17.02 18.99
C GLU A 402 28.77 17.99 18.19
N VAL A 403 28.27 18.45 17.04
CA VAL A 403 29.00 19.34 16.16
C VAL A 403 28.49 20.76 16.36
N GLN A 404 29.42 21.68 16.62
CA GLN A 404 29.11 23.08 16.86
C GLN A 404 29.42 23.90 15.62
N ILE A 405 28.44 24.65 15.14
CA ILE A 405 28.63 25.48 13.95
C ILE A 405 28.99 26.91 14.31
N LEU A 406 28.25 27.53 15.23
CA LEU A 406 28.54 28.88 15.68
C LEU A 406 29.28 28.80 17.01
N LYS A 407 30.45 29.42 17.07
CA LYS A 407 31.31 29.37 18.25
C LYS A 407 31.41 30.70 18.98
N GLY A 408 30.53 31.65 18.68
CA GLY A 408 30.56 32.94 19.33
C GLY A 408 31.17 34.02 18.46
N LEU A 409 30.36 34.99 18.04
CA LEU A 409 30.80 36.08 17.19
C LEU A 409 30.45 37.40 17.86
N ASN A 410 31.46 38.23 18.10
CA ASN A 410 31.27 39.56 18.67
C ASN A 410 31.14 40.59 17.55
N LEU A 411 30.07 40.44 16.77
CA LEU A 411 29.85 41.24 15.58
C LEU A 411 28.74 42.24 15.82
N LYS A 412 28.85 43.40 15.18
CA LYS A 412 27.81 44.43 15.21
C LYS A 412 27.66 45.00 13.81
N VAL A 413 26.46 45.51 13.53
CA VAL A 413 26.15 46.12 12.24
C VAL A 413 25.61 47.52 12.47
N LYS A 414 25.61 48.30 11.39
CA LYS A 414 25.20 49.69 11.42
C LYS A 414 24.12 49.93 10.36
N SER A 415 23.27 50.92 10.63
CA SER A 415 22.19 51.23 9.71
C SER A 415 22.71 51.93 8.46
N GLY A 416 22.08 51.64 7.33
CA GLY A 416 22.39 52.33 6.08
C GLY A 416 23.57 51.81 5.32
N GLN A 417 24.24 50.76 5.80
CA GLN A 417 25.43 50.21 5.14
C GLN A 417 25.17 48.73 4.86
N THR A 418 25.30 48.34 3.59
CA THR A 418 25.12 46.94 3.20
C THR A 418 26.36 46.15 3.59
N VAL A 419 26.16 44.99 4.20
CA VAL A 419 27.24 44.15 4.69
C VAL A 419 27.23 42.85 3.90
N ALA A 420 28.43 42.37 3.53
CA ALA A 420 28.59 41.14 2.75
C ALA A 420 29.33 40.10 3.57
N LEU A 421 28.90 38.85 3.46
CA LEU A 421 29.54 37.73 4.15
C LEU A 421 30.27 36.85 3.13
N VAL A 422 31.52 36.50 3.44
CA VAL A 422 32.37 35.72 2.54
C VAL A 422 32.93 34.55 3.33
N GLY A 423 32.90 33.36 2.73
CA GLY A 423 33.46 32.19 3.37
C GLY A 423 33.04 30.94 2.64
N ASN A 424 33.19 29.79 3.33
CA ASN A 424 32.71 28.53 2.76
C ASN A 424 31.21 28.57 2.53
N SER A 425 30.47 29.09 3.49
CA SER A 425 29.03 29.31 3.37
C SER A 425 28.63 30.35 4.41
N GLY A 426 27.32 30.56 4.58
CA GLY A 426 26.85 31.46 5.60
C GLY A 426 26.89 30.81 6.98
N GLY A 427 28.09 30.51 7.46
CA GLY A 427 28.28 29.79 8.72
C GLY A 427 27.57 28.44 8.67
N GLY A 428 28.07 27.58 7.78
CA GLY A 428 27.48 26.28 7.53
C GLY A 428 26.48 26.30 6.39
N LYS A 429 25.30 26.87 6.62
CA LYS A 429 24.36 27.12 5.53
C LYS A 429 23.52 28.35 5.91
N SER A 430 24.01 29.52 5.50
CA SER A 430 23.32 30.79 5.67
C SER A 430 22.71 30.97 7.07
N THR A 431 23.32 30.34 8.08
CA THR A 431 22.67 30.23 9.38
C THR A 431 22.49 31.58 10.04
N THR A 432 23.25 32.60 9.59
CA THR A 432 23.00 33.95 10.07
C THR A 432 21.58 34.39 9.75
N VAL A 433 21.06 34.00 8.58
CA VAL A 433 19.68 34.33 8.23
C VAL A 433 18.71 33.66 9.20
N GLN A 434 18.94 32.38 9.49
CA GLN A 434 18.12 31.71 10.51
C GLN A 434 18.19 32.45 11.84
N LEU A 435 19.35 33.03 12.17
CA LEU A 435 19.46 33.83 13.37
C LEU A 435 18.61 35.10 13.29
N MET A 436 18.55 35.70 12.09
CA MET A 436 17.94 37.02 11.96
C MET A 436 16.46 37.01 12.29
N GLN A 437 15.69 36.11 11.67
CA GLN A 437 14.24 36.12 11.82
C GLN A 437 13.76 35.12 12.86
N ARG A 438 14.65 34.60 13.70
CA ARG A 438 14.34 33.54 14.65
C ARG A 438 13.72 32.31 13.98
N LEU A 439 14.40 31.76 12.99
CA LEU A 439 14.03 30.43 12.55
C LEU A 439 14.39 29.38 13.59
N TYR A 440 15.50 29.58 14.31
CA TYR A 440 15.97 28.66 15.33
C TYR A 440 16.10 29.42 16.65
N ASP A 441 16.64 28.73 17.65
CA ASP A 441 16.80 29.29 19.00
C ASP A 441 18.24 29.19 19.45
N PRO A 442 19.05 30.22 19.28
CA PRO A 442 20.46 30.15 19.68
C PRO A 442 20.63 29.94 21.17
N LEU A 443 21.67 29.19 21.53
CA LEU A 443 22.00 28.92 22.93
C LEU A 443 22.97 29.99 23.40
N ASP A 444 22.52 30.81 24.37
CA ASP A 444 23.31 31.91 24.92
C ASP A 444 23.65 32.94 23.84
N GLY A 445 23.05 32.81 22.66
CA GLY A 445 23.28 33.77 21.60
C GLY A 445 22.49 35.03 21.83
N MET A 446 23.18 36.11 22.18
CA MET A 446 22.54 37.39 22.47
C MET A 446 22.60 38.25 21.21
N VAL A 447 21.44 38.54 20.63
CA VAL A 447 21.32 39.35 19.43
C VAL A 447 20.32 40.47 19.69
N SER A 448 20.69 41.69 19.34
CA SER A 448 19.84 42.86 19.54
C SER A 448 19.61 43.57 18.21
N ILE A 449 18.34 43.84 17.90
CA ILE A 449 18.01 44.52 16.65
C ILE A 449 18.49 45.97 16.69
N ASP A 450 18.29 46.66 17.82
CA ASP A 450 18.78 48.03 17.97
C ASP A 450 19.30 48.31 19.37
N GLY A 451 19.55 47.28 20.18
CA GLY A 451 20.00 47.50 21.54
C GLY A 451 19.08 46.86 22.56
N GLN A 452 17.98 46.27 22.09
CA GLN A 452 17.02 45.57 22.94
C GLN A 452 16.91 44.12 22.49
N ASP A 453 16.63 43.24 23.44
CA ASP A 453 16.56 41.81 23.15
C ASP A 453 15.41 41.49 22.21
N ILE A 454 15.63 40.48 21.36
CA ILE A 454 14.59 40.06 20.44
C ILE A 454 13.45 39.36 21.17
N ARG A 455 13.69 38.93 22.40
CA ARG A 455 12.66 38.22 23.16
C ARG A 455 11.46 39.12 23.43
N THR A 456 11.71 40.39 23.75
CA THR A 456 10.61 41.33 23.97
C THR A 456 9.81 41.61 22.70
N ILE A 457 10.46 41.53 21.54
CA ILE A 457 9.82 41.88 20.27
C ILE A 457 8.85 40.78 19.86
N ASN A 458 7.74 41.19 19.23
CA ASN A 458 6.76 40.24 18.73
C ASN A 458 7.33 39.42 17.60
N VAL A 459 6.98 38.13 17.57
CA VAL A 459 7.50 37.23 16.54
C VAL A 459 6.99 37.64 15.16
N ARG A 460 5.68 37.87 15.04
CA ARG A 460 5.12 38.26 13.76
C ARG A 460 5.65 39.62 13.33
N TYR A 461 5.77 40.56 14.27
CA TYR A 461 6.34 41.86 13.94
C TYR A 461 7.79 41.73 13.48
N LEU A 462 8.56 40.91 14.18
CA LEU A 462 9.96 40.71 13.79
C LEU A 462 10.05 40.10 12.39
N ARG A 463 9.19 39.12 12.09
CA ARG A 463 9.19 38.53 10.76
C ARG A 463 8.79 39.53 9.69
N GLU A 464 7.80 40.38 9.96
CA GLU A 464 7.33 41.31 8.95
C GLU A 464 8.27 42.49 8.74
N ILE A 465 9.06 42.86 9.76
CA ILE A 465 10.02 43.95 9.60
C ILE A 465 11.33 43.47 9.00
N ILE A 466 11.45 42.20 8.64
CA ILE A 466 12.66 41.63 8.07
C ILE A 466 12.31 40.94 6.76
N GLY A 467 13.09 41.21 5.73
CA GLY A 467 12.88 40.64 4.40
C GLY A 467 14.00 39.67 4.06
N VAL A 468 13.65 38.61 3.34
CA VAL A 468 14.59 37.55 3.00
C VAL A 468 14.61 37.37 1.49
N VAL A 469 15.70 36.77 1.01
CA VAL A 469 15.84 36.33 -0.37
C VAL A 469 16.19 34.86 -0.34
N SER A 470 15.30 34.01 -0.84
CA SER A 470 15.51 32.57 -0.81
C SER A 470 16.58 32.15 -1.80
N GLN A 471 17.35 31.13 -1.43
CA GLN A 471 18.34 30.58 -2.36
C GLN A 471 17.64 29.92 -3.54
N GLU A 472 16.51 29.26 -3.30
CA GLU A 472 15.66 28.73 -4.36
C GLU A 472 14.36 29.52 -4.40
N PRO A 473 14.12 30.31 -5.45
CA PRO A 473 12.87 31.07 -5.53
C PRO A 473 11.69 30.22 -5.95
N VAL A 474 11.34 29.24 -5.11
CA VAL A 474 10.15 28.43 -5.36
C VAL A 474 8.91 29.17 -4.88
N LEU A 475 7.85 29.14 -5.69
CA LEU A 475 6.65 29.90 -5.38
C LEU A 475 5.38 29.05 -5.37
N PHE A 476 4.24 29.72 -5.29
CA PHE A 476 2.93 29.10 -5.18
C PHE A 476 2.41 28.73 -6.57
N ALA A 477 1.60 27.69 -6.62
CA ALA A 477 1.01 27.25 -7.88
C ALA A 477 -0.23 28.07 -8.20
N THR A 478 -0.04 29.37 -8.44
CA THR A 478 -1.18 30.30 -8.67
C THR A 478 -0.69 31.60 -9.34
N THR A 479 -1.60 32.52 -9.68
CA THR A 479 -1.21 33.76 -10.43
C THR A 479 -0.38 34.70 -9.57
N ILE A 480 0.47 35.53 -10.18
CA ILE A 480 1.38 36.36 -9.35
C ILE A 480 0.56 37.35 -8.52
N ALA A 481 -0.67 37.69 -8.91
CA ALA A 481 -1.38 38.72 -8.16
C ALA A 481 -1.52 38.33 -6.70
N GLU A 482 -2.02 37.12 -6.43
CA GLU A 482 -2.14 36.68 -5.05
C GLU A 482 -0.78 36.38 -4.43
N ASN A 483 0.26 36.15 -5.23
CA ASN A 483 1.59 36.05 -4.66
C ASN A 483 2.06 37.39 -4.11
N ILE A 484 1.86 38.46 -4.87
CA ILE A 484 2.18 39.80 -4.37
C ILE A 484 1.32 40.12 -3.16
N ARG A 485 0.05 39.71 -3.19
CA ARG A 485 -0.80 39.86 -2.00
C ARG A 485 -0.24 39.08 -0.82
N TYR A 486 0.32 37.90 -1.08
CA TYR A 486 0.94 37.09 -0.04
C TYR A 486 2.15 37.80 0.55
N GLY A 487 2.84 38.60 -0.26
CA GLY A 487 4.02 39.30 0.24
C GLY A 487 3.71 40.16 1.43
N ARG A 488 2.65 40.96 1.35
CA ARG A 488 2.18 41.79 2.46
C ARG A 488 0.81 42.32 2.08
N GLU A 489 0.16 42.98 3.03
CA GLU A 489 -1.15 43.60 2.80
C GLU A 489 -1.08 44.55 1.61
N ASP A 490 -1.81 44.22 0.55
CA ASP A 490 -1.82 45.05 -0.65
C ASP A 490 -2.67 46.29 -0.41
N VAL A 491 -2.01 47.46 -0.33
CA VAL A 491 -2.74 48.71 -0.20
C VAL A 491 -3.61 48.95 -1.41
N THR A 492 -3.06 48.72 -2.60
CA THR A 492 -3.79 48.82 -3.85
C THR A 492 -3.08 47.96 -4.88
N MET A 493 -3.87 47.30 -5.74
CA MET A 493 -3.29 46.45 -6.77
C MET A 493 -2.37 47.25 -7.68
N ASP A 494 -2.82 48.45 -8.07
CA ASP A 494 -1.96 49.33 -8.84
C ASP A 494 -0.75 49.78 -8.04
N GLU A 495 -0.92 49.97 -6.73
CA GLU A 495 0.20 50.38 -5.89
C GLU A 495 1.25 49.28 -5.77
N ILE A 496 0.80 48.04 -5.54
CA ILE A 496 1.75 46.94 -5.45
C ILE A 496 2.39 46.66 -6.81
N GLU A 497 1.63 46.89 -7.89
CA GLU A 497 2.23 46.78 -9.22
C GLU A 497 3.28 47.86 -9.46
N LYS A 498 3.04 49.07 -8.95
CA LYS A 498 4.06 50.12 -9.00
C LYS A 498 5.30 49.71 -8.22
N ALA A 499 5.07 49.02 -7.10
CA ALA A 499 6.20 48.54 -6.28
C ALA A 499 6.99 47.54 -7.12
N VAL A 500 6.35 46.88 -8.10
CA VAL A 500 7.14 45.99 -8.99
C VAL A 500 7.76 46.88 -10.07
N LYS A 501 8.66 47.77 -9.67
CA LYS A 501 9.37 48.66 -10.65
C LYS A 501 10.85 48.28 -10.64
N GLU A 502 11.17 47.11 -10.07
CA GLU A 502 12.58 46.63 -10.05
C GLU A 502 12.97 46.22 -11.47
N ALA A 503 14.26 46.03 -11.75
CA ALA A 503 14.68 45.73 -13.13
C ALA A 503 13.93 44.50 -13.63
N ASN A 504 13.53 44.48 -14.92
CA ASN A 504 12.72 43.37 -15.50
C ASN A 504 11.23 43.57 -15.17
N ALA A 505 10.86 44.75 -14.69
CA ALA A 505 9.43 45.05 -14.39
C ALA A 505 8.61 45.14 -15.68
N TYR A 506 7.31 44.81 -15.62
CA TYR A 506 6.38 44.88 -16.78
C TYR A 506 6.66 43.77 -17.80
N ASP A 507 7.85 43.72 -18.40
CA ASP A 507 8.05 42.67 -19.44
C ASP A 507 7.95 41.30 -18.77
N PHE A 508 8.50 41.16 -17.56
CA PHE A 508 8.44 39.85 -16.84
C PHE A 508 7.04 39.57 -16.26
N ILE A 509 6.42 40.56 -15.59
CA ILE A 509 5.06 40.38 -14.98
C ILE A 509 3.97 40.17 -16.04
N MET A 510 4.08 40.83 -17.20
CA MET A 510 2.96 40.75 -18.19
C MET A 510 3.41 40.15 -19.53
N LYS A 511 4.38 40.78 -20.21
CA LYS A 511 4.77 40.33 -21.57
C LYS A 511 5.07 38.83 -21.60
N LEU A 512 5.66 38.28 -20.53
CA LEU A 512 6.10 36.86 -20.58
C LEU A 512 5.01 35.88 -20.10
N PRO A 513 4.27 36.06 -18.96
CA PRO A 513 3.32 35.03 -18.52
C PRO A 513 1.96 35.17 -19.22
N HIS A 514 1.87 34.75 -20.48
CA HIS A 514 0.59 34.73 -21.26
C HIS A 514 -0.11 36.10 -21.33
N GLN A 515 0.57 37.17 -20.88
CA GLN A 515 0.01 38.56 -20.86
C GLN A 515 -1.14 38.67 -19.88
N PHE A 516 -2.10 37.74 -19.89
CA PHE A 516 -3.13 37.77 -18.82
C PHE A 516 -2.40 37.33 -17.55
N ASP A 517 -2.67 37.94 -16.39
CA ASP A 517 -1.99 37.41 -15.18
C ASP A 517 -2.40 35.94 -15.12
N THR A 518 -1.45 35.02 -14.99
CA THR A 518 -1.83 33.58 -15.09
C THR A 518 -1.32 32.77 -13.93
N LEU A 519 -2.06 31.72 -13.57
CA LEU A 519 -1.59 30.80 -12.51
C LEU A 519 -0.29 30.21 -13.03
N VAL A 520 0.77 30.27 -12.23
CA VAL A 520 2.07 29.63 -12.62
C VAL A 520 2.26 28.50 -11.63
N GLY A 521 3.41 27.84 -11.61
CA GLY A 521 3.60 26.86 -10.56
C GLY A 521 3.84 25.49 -11.16
N GLU A 522 3.66 24.47 -10.31
CA GLU A 522 3.89 23.09 -10.75
C GLU A 522 2.91 22.69 -11.85
N ARG A 523 1.71 23.24 -11.83
CA ARG A 523 0.68 22.92 -12.83
C ARG A 523 0.78 23.90 -14.01
N GLY A 524 1.86 23.73 -14.77
CA GLY A 524 2.05 24.49 -15.99
C GLY A 524 2.51 25.91 -15.75
N ALA A 525 2.57 26.67 -16.85
CA ALA A 525 2.99 28.08 -16.84
C ALA A 525 4.37 28.24 -16.22
N GLN A 526 5.32 27.40 -16.66
CA GLN A 526 6.68 27.50 -16.17
C GLN A 526 7.34 28.78 -16.64
N LEU A 527 8.12 29.39 -15.74
CA LEU A 527 8.90 30.58 -16.05
C LEU A 527 10.35 30.33 -15.67
N SER A 528 11.24 31.17 -16.19
CA SER A 528 12.65 31.02 -15.91
C SER A 528 12.94 31.36 -14.45
N GLY A 529 14.09 30.88 -13.96
CA GLY A 529 14.49 31.19 -12.60
C GLY A 529 14.69 32.68 -12.36
N GLY A 530 15.06 33.42 -13.41
CA GLY A 530 15.16 34.86 -13.29
C GLY A 530 13.85 35.51 -12.91
N GLN A 531 12.76 35.07 -13.53
CA GLN A 531 11.44 35.58 -13.14
C GLN A 531 11.10 35.24 -11.70
N LYS A 532 11.45 34.02 -11.26
CA LYS A 532 11.16 33.62 -9.88
C LYS A 532 11.92 34.48 -8.88
N GLN A 533 13.24 34.61 -9.07
CA GLN A 533 14.02 35.49 -8.17
C GLN A 533 13.41 36.89 -8.21
N ARG A 534 13.13 37.39 -9.42
CA ARG A 534 12.64 38.79 -9.53
C ARG A 534 11.33 38.92 -8.74
N ILE A 535 10.42 37.95 -8.85
CA ILE A 535 9.12 38.14 -8.14
C ILE A 535 9.40 38.03 -6.63
N ALA A 536 10.36 37.20 -6.24
CA ALA A 536 10.73 37.16 -4.83
C ALA A 536 11.23 38.51 -4.35
N ILE A 537 12.07 39.16 -5.16
CA ILE A 537 12.55 40.51 -4.84
C ILE A 537 11.36 41.48 -4.75
N ALA A 538 10.41 41.33 -5.67
CA ALA A 538 9.23 42.20 -5.65
C ALA A 538 8.42 42.00 -4.38
N ARG A 539 8.25 40.76 -3.95
CA ARG A 539 7.56 40.49 -2.69
C ARG A 539 8.30 41.11 -1.51
N ALA A 540 9.63 40.99 -1.50
CA ALA A 540 10.42 41.59 -0.44
C ALA A 540 10.24 43.10 -0.42
N LEU A 541 10.22 43.73 -1.60
CA LEU A 541 10.00 45.18 -1.68
C LEU A 541 8.61 45.55 -1.18
N VAL A 542 7.61 44.75 -1.52
CA VAL A 542 6.26 44.98 -1.01
C VAL A 542 6.26 44.93 0.51
N ARG A 543 7.01 43.99 1.08
CA ARG A 543 7.17 43.98 2.54
C ARG A 543 7.85 45.25 3.02
N ASN A 544 8.80 45.77 2.25
CA ASN A 544 9.55 46.97 2.59
C ASN A 544 10.13 46.92 4.01
N PRO A 545 10.98 45.94 4.30
CA PRO A 545 11.53 45.82 5.65
C PRO A 545 12.67 46.80 5.90
N LYS A 546 12.93 47.02 7.18
CA LYS A 546 14.05 47.89 7.55
C LYS A 546 15.39 47.19 7.30
N ILE A 547 15.43 45.87 7.45
CA ILE A 547 16.63 45.07 7.24
C ILE A 547 16.32 44.00 6.20
N LEU A 548 17.19 43.87 5.21
CA LEU A 548 17.02 42.91 4.13
C LEU A 548 18.07 41.81 4.22
N LEU A 549 17.71 40.64 3.71
CA LEU A 549 18.53 39.44 3.83
C LEU A 549 18.66 38.83 2.44
N LEU A 550 19.89 38.63 1.97
CA LEU A 550 20.12 38.06 0.65
C LEU A 550 20.91 36.76 0.76
N ASP A 551 20.29 35.69 0.28
CA ASP A 551 20.82 34.32 0.35
C ASP A 551 20.83 33.73 -1.06
N GLU A 552 22.00 33.74 -1.70
CA GLU A 552 22.23 33.04 -2.97
C GLU A 552 21.18 33.40 -4.02
N ALA A 553 21.22 34.68 -4.41
CA ALA A 553 20.25 35.19 -5.38
C ALA A 553 20.35 34.45 -6.71
N THR A 554 21.57 34.22 -7.20
CA THR A 554 21.80 33.59 -8.49
C THR A 554 22.72 32.38 -8.33
N SER A 555 22.41 31.53 -7.36
CA SER A 555 23.19 30.32 -7.13
C SER A 555 22.98 29.33 -8.27
N ALA A 556 24.03 29.13 -9.08
CA ALA A 556 23.99 28.22 -10.23
C ALA A 556 22.93 28.62 -11.23
N LEU A 557 22.67 29.92 -11.39
CA LEU A 557 21.77 30.41 -12.41
C LEU A 557 22.52 30.66 -13.71
N ASP A 558 21.78 31.05 -14.74
CA ASP A 558 22.38 31.33 -16.04
C ASP A 558 23.21 32.61 -15.98
N THR A 559 24.29 32.63 -16.77
CA THR A 559 25.13 33.82 -16.83
C THR A 559 24.36 35.01 -17.39
N GLU A 560 23.42 34.76 -18.31
CA GLU A 560 22.57 35.82 -18.80
C GLU A 560 21.47 36.17 -17.80
N SER A 561 21.02 35.20 -17.02
CA SER A 561 20.02 35.48 -15.99
C SER A 561 20.55 36.44 -14.95
N GLU A 562 21.80 36.26 -14.53
CA GLU A 562 22.44 37.19 -13.61
C GLU A 562 22.89 38.42 -14.40
N ALA A 563 23.64 39.31 -13.74
CA ALA A 563 24.11 40.59 -14.25
C ALA A 563 22.97 41.55 -14.54
N VAL A 564 21.71 41.16 -14.29
CA VAL A 564 20.55 42.04 -14.45
C VAL A 564 19.75 42.13 -13.16
N VAL A 565 19.47 40.99 -12.53
CA VAL A 565 18.74 40.99 -11.26
C VAL A 565 19.59 41.61 -10.16
N GLN A 566 20.92 41.60 -10.33
CA GLN A 566 21.79 42.24 -9.35
C GLN A 566 21.54 43.74 -9.28
N ALA A 567 21.11 44.35 -10.39
CA ALA A 567 20.72 45.75 -10.36
C ALA A 567 19.50 45.96 -9.46
N ALA A 568 18.52 45.05 -9.54
CA ALA A 568 17.37 45.11 -8.65
C ALA A 568 17.80 44.92 -7.20
N LEU A 569 18.72 43.98 -6.96
CA LEU A 569 19.24 43.79 -5.61
C LEU A 569 19.90 45.06 -5.09
N ASP A 570 20.71 45.72 -5.94
CA ASP A 570 21.40 46.92 -5.52
C ASP A 570 20.42 48.05 -5.22
N LYS A 571 19.44 48.26 -6.10
CA LYS A 571 18.47 49.33 -5.89
C LYS A 571 17.58 49.05 -4.69
N ALA A 572 17.41 47.78 -4.33
CA ALA A 572 16.77 47.47 -3.06
C ALA A 572 17.72 47.76 -1.89
N ARG A 573 19.03 47.58 -2.10
CA ARG A 573 19.97 47.76 -1.01
C ARG A 573 20.21 49.21 -0.63
N GLU A 574 20.20 50.14 -1.59
CA GLU A 574 20.41 51.54 -1.17
C GLU A 574 19.27 52.01 -0.27
N GLY A 575 18.07 51.45 -0.45
CA GLY A 575 16.94 51.88 0.34
C GLY A 575 17.09 51.57 1.82
N ARG A 576 17.49 50.34 2.14
CA ARG A 576 17.53 49.87 3.53
C ARG A 576 18.78 49.03 3.76
N THR A 577 19.18 48.96 5.03
CA THR A 577 20.33 48.16 5.42
C THR A 577 20.06 46.68 5.16
N THR A 578 21.13 45.94 4.85
CA THR A 578 20.96 44.54 4.49
C THR A 578 22.25 43.76 4.71
N ILE A 579 22.09 42.45 4.85
CA ILE A 579 23.19 41.50 4.75
C ILE A 579 23.02 40.73 3.46
N VAL A 580 24.14 40.39 2.82
CA VAL A 580 24.14 39.67 1.56
C VAL A 580 25.21 38.60 1.63
N ILE A 581 24.91 37.42 1.10
CA ILE A 581 25.94 36.42 0.81
C ILE A 581 25.93 36.17 -0.69
N ALA A 582 27.10 36.24 -1.30
CA ALA A 582 27.23 36.28 -2.76
C ALA A 582 27.71 34.94 -3.30
N HIS A 583 27.07 34.48 -4.37
CA HIS A 583 27.52 33.28 -5.05
C HIS A 583 28.91 33.49 -5.65
N ARG A 584 29.16 34.68 -6.20
CA ARG A 584 30.45 35.02 -6.79
C ARG A 584 30.95 36.31 -6.12
N LEU A 585 32.27 36.48 -6.16
CA LEU A 585 32.91 37.59 -5.45
C LEU A 585 32.59 38.95 -6.05
N SER A 586 31.93 39.00 -7.21
CA SER A 586 31.63 40.29 -7.85
C SER A 586 30.80 41.19 -6.93
N THR A 587 29.76 40.63 -6.31
CA THR A 587 28.97 41.41 -5.36
C THR A 587 29.83 41.89 -4.20
N VAL A 588 30.85 41.12 -3.81
CA VAL A 588 31.79 41.57 -2.79
C VAL A 588 32.44 42.89 -3.22
N ARG A 589 32.81 42.99 -4.50
CA ARG A 589 33.28 44.27 -5.02
C ARG A 589 32.18 45.33 -4.96
N ASN A 590 30.94 44.93 -5.28
CA ASN A 590 29.84 45.89 -5.25
C ASN A 590 29.53 46.34 -3.83
N ALA A 591 29.57 45.41 -2.87
CA ALA A 591 29.27 45.75 -1.49
C ALA A 591 30.35 46.65 -0.91
N ASP A 592 29.92 47.69 -0.18
CA ASP A 592 30.86 48.60 0.44
C ASP A 592 31.49 48.01 1.69
N VAL A 593 30.72 47.22 2.44
CA VAL A 593 31.19 46.61 3.68
C VAL A 593 31.18 45.09 3.49
N ILE A 594 32.32 44.47 3.78
CA ILE A 594 32.49 43.03 3.60
C ILE A 594 32.93 42.46 4.93
N ALA A 595 31.97 41.96 5.71
CA ALA A 595 32.24 41.32 7.00
C ALA A 595 31.85 39.85 6.87
N GLY A 596 32.83 39.01 6.51
CA GLY A 596 32.57 37.59 6.35
C GLY A 596 33.81 36.78 6.67
N PHE A 597 33.57 35.52 6.98
CA PHE A 597 34.63 34.59 7.39
C PHE A 597 34.05 33.18 7.41
N ASP A 598 34.86 32.23 7.84
CA ASP A 598 34.44 30.85 8.00
C ASP A 598 35.07 30.27 9.25
N GLY A 599 34.41 29.27 9.83
CA GLY A 599 34.89 28.63 11.03
C GLY A 599 34.63 29.40 12.31
N GLY A 600 33.91 30.51 12.25
CA GLY A 600 33.61 31.29 13.43
C GLY A 600 34.70 32.26 13.86
N VAL A 601 35.75 32.44 13.05
CA VAL A 601 36.83 33.36 13.37
C VAL A 601 36.47 34.70 12.75
N ILE A 602 36.00 35.63 13.58
CA ILE A 602 35.51 36.91 13.10
C ILE A 602 36.65 37.72 12.49
N VAL A 603 36.37 38.38 11.37
CA VAL A 603 37.34 39.20 10.67
C VAL A 603 36.73 40.59 10.46
N GLU A 604 37.56 41.62 10.43
CA GLU A 604 37.11 42.99 10.27
C GLU A 604 36.58 43.22 8.85
N GLN A 605 35.80 44.30 8.71
CA GLN A 605 35.21 44.69 7.43
C GLN A 605 35.79 45.99 6.89
N GLY A 606 36.99 46.38 7.34
CA GLY A 606 37.56 47.64 6.91
C GLY A 606 37.82 47.70 5.41
N ASN A 607 38.39 46.63 4.86
CA ASN A 607 38.71 46.60 3.44
C ASN A 607 38.70 45.15 2.96
N HIS A 608 38.54 44.99 1.64
CA HIS A 608 38.57 43.69 1.00
C HIS A 608 39.96 43.30 0.52
N ASP A 609 40.97 44.14 0.77
CA ASP A 609 42.32 43.83 0.32
C ASP A 609 42.85 42.58 1.01
N GLU A 610 42.55 42.42 2.31
CA GLU A 610 43.01 41.24 3.03
C GLU A 610 42.37 39.97 2.48
N LEU A 611 41.17 40.06 1.92
CA LEU A 611 40.51 38.91 1.33
C LEU A 611 41.34 38.41 0.15
N MET A 612 41.75 37.14 0.22
CA MET A 612 42.68 36.59 -0.76
C MET A 612 41.99 36.40 -2.11
N ARG A 613 42.82 36.20 -3.13
CA ARG A 613 42.35 36.04 -4.51
C ARG A 613 41.70 34.67 -4.66
N GLU A 614 40.46 34.57 -4.19
CA GLU A 614 39.70 33.32 -4.31
C GLU A 614 39.24 33.13 -5.75
N LYS A 615 39.51 31.95 -6.30
CA LYS A 615 39.14 31.68 -7.68
C LYS A 615 37.62 31.55 -7.82
N GLY A 616 37.12 31.99 -8.96
CA GLY A 616 35.69 31.94 -9.24
C GLY A 616 35.35 32.27 -10.68
N PRO A 689 -5.38 -4.58 -20.33
CA PRO A 689 -5.45 -5.59 -19.27
C PRO A 689 -6.88 -5.99 -18.93
N PRO A 690 -7.49 -6.80 -19.77
CA PRO A 690 -8.88 -7.22 -19.53
C PRO A 690 -8.95 -8.36 -18.51
N ALA A 691 -10.18 -8.62 -18.06
CA ALA A 691 -10.41 -9.71 -17.13
C ALA A 691 -10.28 -11.05 -17.85
N SER A 692 -10.11 -12.11 -17.05
CA SER A 692 -9.96 -13.45 -17.60
C SER A 692 -11.28 -13.99 -18.11
N PHE A 693 -11.20 -14.85 -19.12
CA PHE A 693 -12.39 -15.50 -19.65
C PHE A 693 -12.99 -16.50 -18.68
N TRP A 694 -12.22 -16.90 -17.65
CA TRP A 694 -12.66 -17.75 -16.54
C TRP A 694 -12.87 -19.19 -16.99
N ARG A 695 -12.78 -19.45 -18.29
CA ARG A 695 -12.84 -20.81 -18.82
C ARG A 695 -11.47 -21.35 -19.19
N ILE A 696 -10.61 -20.51 -19.78
CA ILE A 696 -9.23 -20.93 -19.99
C ILE A 696 -8.53 -21.09 -18.65
N LEU A 697 -8.88 -20.25 -17.67
CA LEU A 697 -8.31 -20.39 -16.33
C LEU A 697 -8.67 -21.73 -15.71
N LYS A 698 -9.94 -22.13 -15.84
CA LYS A 698 -10.34 -23.44 -15.33
C LYS A 698 -9.67 -24.56 -16.10
N LEU A 699 -9.63 -24.43 -17.44
CA LEU A 699 -8.99 -25.44 -18.27
C LEU A 699 -7.51 -25.58 -17.96
N ASN A 700 -6.88 -24.54 -17.39
CA ASN A 700 -5.49 -24.64 -16.99
C ASN A 700 -5.28 -25.77 -15.99
N SER A 701 -6.32 -26.14 -15.25
CA SER A 701 -6.25 -27.27 -14.32
C SER A 701 -6.63 -28.53 -15.09
N THR A 702 -5.65 -29.10 -15.78
CA THR A 702 -5.88 -30.35 -16.51
C THR A 702 -5.70 -31.54 -15.58
N GLU A 703 -6.36 -31.50 -14.43
CA GLU A 703 -6.33 -32.57 -13.43
C GLU A 703 -7.74 -32.82 -12.91
N TRP A 704 -8.70 -32.92 -13.83
CA TRP A 704 -10.10 -32.99 -13.42
C TRP A 704 -10.45 -34.19 -12.55
N PRO A 705 -9.81 -35.38 -12.64
CA PRO A 705 -10.20 -36.48 -11.74
C PRO A 705 -10.09 -36.08 -10.27
N TYR A 706 -8.88 -35.74 -9.82
CA TYR A 706 -8.68 -35.30 -8.45
C TYR A 706 -9.43 -34.01 -8.17
N PHE A 707 -10.09 -33.48 -9.20
CA PHE A 707 -10.99 -32.35 -9.10
C PHE A 707 -12.45 -32.79 -9.02
N VAL A 708 -12.87 -33.67 -9.93
CA VAL A 708 -14.30 -33.80 -10.24
C VAL A 708 -15.09 -34.22 -9.01
N VAL A 709 -14.58 -35.18 -8.24
CA VAL A 709 -15.33 -35.71 -7.10
C VAL A 709 -15.69 -34.58 -6.15
N GLY A 710 -14.76 -33.63 -5.96
CA GLY A 710 -15.04 -32.53 -5.05
C GLY A 710 -16.31 -31.79 -5.42
N ILE A 711 -16.47 -31.47 -6.71
CA ILE A 711 -17.71 -30.85 -7.17
C ILE A 711 -18.90 -31.68 -6.69
N PHE A 712 -18.93 -32.96 -7.06
CA PHE A 712 -20.03 -33.80 -6.61
C PHE A 712 -20.07 -33.85 -5.10
N ALA A 713 -18.89 -33.95 -4.46
CA ALA A 713 -18.83 -33.87 -3.01
C ALA A 713 -19.47 -32.58 -2.53
N ALA A 714 -19.03 -31.45 -3.10
CA ALA A 714 -19.62 -30.17 -2.74
C ALA A 714 -21.13 -30.21 -2.90
N ILE A 715 -21.61 -30.87 -3.95
CA ILE A 715 -23.06 -30.91 -4.19
C ILE A 715 -23.76 -31.52 -2.99
N ILE A 716 -23.27 -32.66 -2.50
CA ILE A 716 -23.98 -33.29 -1.39
C ILE A 716 -23.90 -32.41 -0.16
N ASN A 717 -22.81 -31.63 -0.03
CA ASN A 717 -22.72 -30.66 1.07
C ASN A 717 -23.87 -29.67 1.01
N GLY A 718 -24.21 -29.20 -0.20
CA GLY A 718 -25.33 -28.30 -0.35
C GLY A 718 -26.64 -28.88 0.12
N GLY A 719 -26.75 -30.21 0.14
CA GLY A 719 -27.96 -30.83 0.62
C GLY A 719 -28.12 -30.80 2.12
N LEU A 720 -27.05 -30.50 2.85
CA LEU A 720 -27.13 -30.50 4.31
C LEU A 720 -28.07 -29.40 4.82
N GLN A 721 -27.95 -28.19 4.26
CA GLN A 721 -28.66 -27.05 4.83
C GLN A 721 -30.18 -27.18 4.78
N PRO A 722 -30.82 -27.51 3.64
CA PRO A 722 -32.28 -27.63 3.68
C PRO A 722 -32.74 -28.87 4.42
N ALA A 723 -32.08 -30.00 4.19
CA ALA A 723 -32.42 -31.22 4.92
C ALA A 723 -32.40 -30.96 6.42
N PHE A 724 -31.38 -30.25 6.89
CA PHE A 724 -31.36 -29.74 8.27
C PHE A 724 -32.73 -29.21 8.67
N SER A 725 -33.17 -28.15 7.99
CA SER A 725 -34.45 -27.54 8.30
C SER A 725 -35.55 -28.59 8.35
N VAL A 726 -35.52 -29.53 7.40
CA VAL A 726 -36.50 -30.61 7.37
C VAL A 726 -36.60 -31.26 8.74
N ILE A 727 -35.50 -31.85 9.19
CA ILE A 727 -35.53 -32.48 10.51
C ILE A 727 -35.85 -31.44 11.58
N PHE A 728 -35.29 -30.23 11.43
CA PHE A 728 -35.62 -29.15 12.35
C PHE A 728 -37.12 -28.96 12.43
N SER A 729 -37.76 -28.81 11.26
CA SER A 729 -39.21 -28.66 11.25
C SER A 729 -39.88 -29.84 11.91
N LYS A 730 -39.39 -31.04 11.64
CA LYS A 730 -40.03 -32.23 12.18
C LYS A 730 -39.96 -32.24 13.70
N VAL A 731 -38.94 -31.60 14.28
CA VAL A 731 -38.91 -31.47 15.73
C VAL A 731 -40.15 -30.73 16.21
N VAL A 732 -40.42 -29.58 15.60
CA VAL A 732 -41.68 -28.89 15.85
C VAL A 732 -42.85 -29.79 15.46
N GLY A 733 -42.68 -30.56 14.38
CA GLY A 733 -43.72 -31.49 13.99
C GLY A 733 -44.04 -32.51 15.07
N VAL A 734 -43.09 -32.77 15.97
CA VAL A 734 -43.37 -33.66 17.09
C VAL A 734 -44.44 -33.07 17.99
N PHE A 735 -44.36 -31.77 18.25
CA PHE A 735 -45.22 -31.11 19.21
C PHE A 735 -46.32 -30.29 18.56
N THR A 736 -46.51 -30.43 17.26
CA THR A 736 -47.69 -29.93 16.58
C THR A 736 -48.79 -30.99 16.66
N ASN A 737 -49.83 -30.87 15.85
CA ASN A 737 -50.92 -31.84 15.83
C ASN A 737 -50.39 -33.27 15.74
N GLY A 738 -50.66 -34.05 16.77
CA GLY A 738 -50.19 -35.43 16.82
C GLY A 738 -50.48 -36.04 18.17
N GLY A 739 -50.19 -37.34 18.25
CA GLY A 739 -50.41 -38.08 19.47
C GLY A 739 -49.28 -37.93 20.46
N PRO A 740 -49.59 -37.46 21.67
CA PRO A 740 -48.55 -37.19 22.67
C PRO A 740 -47.79 -38.44 23.09
N PRO A 741 -48.45 -39.48 23.59
CA PRO A 741 -47.71 -40.49 24.38
C PRO A 741 -47.12 -41.65 23.61
N GLU A 742 -47.50 -41.89 22.35
CA GLU A 742 -47.11 -43.14 21.72
C GLU A 742 -45.63 -43.19 21.36
N THR A 743 -45.11 -42.17 20.66
CA THR A 743 -43.72 -42.25 20.21
C THR A 743 -42.98 -40.91 20.28
N GLN A 744 -43.50 -39.92 21.00
CA GLN A 744 -42.88 -38.60 20.98
C GLN A 744 -41.46 -38.65 21.51
N ARG A 745 -41.22 -39.40 22.59
CA ARG A 745 -39.85 -39.61 23.05
C ARG A 745 -39.02 -40.32 22.00
N GLN A 746 -39.55 -41.41 21.45
CA GLN A 746 -38.82 -42.15 20.44
C GLN A 746 -38.62 -41.33 19.17
N ASN A 747 -39.64 -40.58 18.75
CA ASN A 747 -39.50 -39.74 17.57
C ASN A 747 -38.45 -38.65 17.80
N SER A 748 -38.47 -38.02 18.98
CA SER A 748 -37.48 -37.00 19.28
C SER A 748 -36.07 -37.58 19.28
N ASN A 749 -35.90 -38.76 19.86
CA ASN A 749 -34.59 -39.40 19.86
C ASN A 749 -34.16 -39.72 18.43
N LEU A 750 -35.09 -40.19 17.60
CA LEU A 750 -34.75 -40.50 16.21
C LEU A 750 -34.30 -39.26 15.46
N PHE A 751 -35.00 -38.14 15.65
CA PHE A 751 -34.61 -36.93 14.93
C PHE A 751 -33.32 -36.33 15.50
N SER A 752 -33.06 -36.51 16.79
CA SER A 752 -31.77 -36.11 17.33
C SER A 752 -30.65 -36.94 16.74
N LEU A 753 -30.87 -38.24 16.58
CA LEU A 753 -29.89 -39.09 15.92
C LEU A 753 -29.70 -38.66 14.47
N LEU A 754 -30.78 -38.24 13.81
CA LEU A 754 -30.66 -37.71 12.46
C LEU A 754 -29.80 -36.45 12.44
N PHE A 755 -30.01 -35.55 13.42
CA PHE A 755 -29.16 -34.38 13.54
C PHE A 755 -27.69 -34.78 13.64
N LEU A 756 -27.40 -35.74 14.53
CA LEU A 756 -26.00 -36.12 14.77
C LEU A 756 -25.38 -36.78 13.54
N ILE A 757 -26.10 -37.69 12.89
CA ILE A 757 -25.55 -38.36 11.71
C ILE A 757 -25.42 -37.37 10.56
N LEU A 758 -26.32 -36.39 10.49
CA LEU A 758 -26.18 -35.33 9.51
C LEU A 758 -24.91 -34.52 9.75
N GLY A 759 -24.62 -34.22 11.01
CA GLY A 759 -23.37 -33.53 11.33
C GLY A 759 -22.15 -34.35 10.96
N ILE A 760 -22.19 -35.66 11.25
CA ILE A 760 -21.06 -36.52 10.92
C ILE A 760 -20.86 -36.61 9.41
N ILE A 761 -21.94 -36.77 8.65
CA ILE A 761 -21.80 -36.86 7.20
C ILE A 761 -21.34 -35.53 6.63
N SER A 762 -21.76 -34.41 7.20
CA SER A 762 -21.24 -33.12 6.77
C SER A 762 -19.74 -33.02 7.04
N PHE A 763 -19.31 -33.50 8.21
CA PHE A 763 -17.89 -33.48 8.54
C PHE A 763 -17.08 -34.28 7.54
N ILE A 764 -17.52 -35.51 7.25
CA ILE A 764 -16.75 -36.35 6.32
C ILE A 764 -16.81 -35.78 4.90
N THR A 765 -17.96 -35.22 4.51
CA THR A 765 -18.08 -34.59 3.20
C THR A 765 -17.08 -33.45 3.06
N PHE A 766 -17.02 -32.58 4.06
CA PHE A 766 -16.14 -31.42 3.94
C PHE A 766 -14.68 -31.84 4.07
N PHE A 767 -14.42 -32.94 4.78
CA PHE A 767 -13.09 -33.54 4.80
C PHE A 767 -12.64 -33.95 3.40
N LEU A 768 -13.49 -34.70 2.69
CA LEU A 768 -13.13 -35.09 1.33
C LEU A 768 -13.00 -33.88 0.43
N GLN A 769 -13.89 -32.89 0.60
CA GLN A 769 -13.81 -31.66 -0.17
C GLN A 769 -12.46 -31.00 0.00
N GLY A 770 -12.00 -30.85 1.24
CA GLY A 770 -10.69 -30.29 1.47
C GLY A 770 -9.59 -31.14 0.87
N PHE A 771 -9.65 -32.44 1.10
CA PHE A 771 -8.58 -33.33 0.65
C PHE A 771 -8.44 -33.31 -0.87
N THR A 772 -9.51 -32.97 -1.58
CA THR A 772 -9.36 -32.89 -3.03
C THR A 772 -9.02 -31.48 -3.53
N PHE A 773 -9.73 -30.46 -3.06
CA PHE A 773 -9.48 -29.11 -3.57
C PHE A 773 -8.12 -28.58 -3.13
N GLY A 774 -7.69 -28.88 -1.90
CA GLY A 774 -6.38 -28.42 -1.48
C GLY A 774 -5.27 -29.00 -2.34
N LYS A 775 -5.32 -30.31 -2.60
CA LYS A 775 -4.31 -30.94 -3.44
C LYS A 775 -4.35 -30.38 -4.86
N ALA A 776 -5.56 -30.22 -5.41
CA ALA A 776 -5.68 -29.67 -6.76
C ALA A 776 -5.09 -28.27 -6.83
N GLY A 777 -5.48 -27.41 -5.90
CA GLY A 777 -4.97 -26.05 -5.91
C GLY A 777 -3.47 -26.00 -5.72
N GLU A 778 -2.92 -26.88 -4.88
CA GLU A 778 -1.47 -26.89 -4.66
C GLU A 778 -0.74 -27.31 -5.93
N ILE A 779 -1.25 -28.31 -6.63
CA ILE A 779 -0.60 -28.72 -7.87
C ILE A 779 -0.69 -27.62 -8.91
N LEU A 780 -1.82 -26.90 -8.95
CA LEU A 780 -1.92 -25.74 -9.84
C LEU A 780 -0.94 -24.64 -9.44
N THR A 781 -0.78 -24.38 -8.15
CA THR A 781 0.16 -23.36 -7.72
C THR A 781 1.58 -23.69 -8.17
N LYS A 782 1.98 -24.95 -7.97
CA LYS A 782 3.31 -25.36 -8.40
C LYS A 782 3.46 -25.25 -9.91
N ARG A 783 2.43 -25.67 -10.66
CA ARG A 783 2.50 -25.61 -12.12
C ARG A 783 2.62 -24.18 -12.60
N LEU A 784 1.81 -23.28 -12.06
CA LEU A 784 1.86 -21.88 -12.47
C LEU A 784 3.21 -21.26 -12.16
N ARG A 785 3.75 -21.51 -10.95
CA ARG A 785 5.05 -20.94 -10.64
C ARG A 785 6.13 -21.50 -11.56
N TYR A 786 6.10 -22.82 -11.80
CA TYR A 786 7.10 -23.45 -12.66
C TYR A 786 7.06 -22.86 -14.06
N MET A 787 5.87 -22.63 -14.61
CA MET A 787 5.78 -22.06 -15.95
C MET A 787 6.19 -20.58 -15.95
N VAL A 788 5.72 -19.81 -14.97
CA VAL A 788 5.89 -18.37 -15.04
C VAL A 788 7.35 -17.99 -14.83
N PHE A 789 8.06 -18.73 -13.96
CA PHE A 789 9.48 -18.42 -13.76
C PHE A 789 10.28 -18.63 -15.04
N LYS A 790 10.01 -19.73 -15.74
CA LYS A 790 10.61 -19.92 -17.05
C LYS A 790 10.21 -18.79 -17.99
N SER A 791 8.98 -18.31 -17.87
CA SER A 791 8.53 -17.20 -18.71
C SER A 791 9.38 -15.96 -18.48
N MET A 792 9.61 -15.58 -17.22
CA MET A 792 10.46 -14.40 -16.99
C MET A 792 11.88 -14.65 -17.44
N LEU A 793 12.42 -15.84 -17.19
CA LEU A 793 13.83 -16.00 -17.64
C LEU A 793 13.85 -15.96 -19.17
N ARG A 794 12.77 -16.40 -19.81
CA ARG A 794 12.67 -16.36 -21.30
C ARG A 794 12.59 -14.91 -21.80
N GLN A 795 11.90 -14.04 -21.07
CA GLN A 795 11.66 -12.66 -21.58
C GLN A 795 12.98 -11.95 -21.87
N ASP A 796 13.01 -11.10 -22.88
CA ASP A 796 14.26 -10.41 -23.29
C ASP A 796 14.63 -9.30 -22.31
N VAL A 797 15.83 -8.75 -22.43
CA VAL A 797 16.34 -7.74 -21.45
C VAL A 797 15.40 -6.54 -21.39
N SER A 798 14.86 -6.13 -22.54
CA SER A 798 14.02 -4.91 -22.57
C SER A 798 12.84 -5.08 -21.62
N TRP A 799 12.29 -6.28 -21.51
CA TRP A 799 11.09 -6.49 -20.66
C TRP A 799 11.44 -6.10 -19.22
N PHE A 800 12.66 -6.40 -18.78
CA PHE A 800 13.03 -6.12 -17.37
C PHE A 800 13.40 -4.64 -17.23
N ASP A 801 13.94 -4.05 -18.30
CA ASP A 801 14.37 -2.63 -18.27
C ASP A 801 13.20 -1.68 -17.97
N ASP A 802 12.04 -1.90 -18.60
CA ASP A 802 10.87 -1.04 -18.42
C ASP A 802 10.74 -0.69 -16.94
N PRO A 803 10.65 0.58 -16.57
CA PRO A 803 10.58 0.92 -15.14
C PRO A 803 9.29 0.50 -14.46
N LYS A 804 8.24 0.12 -15.21
CA LYS A 804 6.99 -0.26 -14.57
C LYS A 804 7.14 -1.53 -13.75
N ASN A 805 8.01 -2.44 -14.19
CA ASN A 805 8.23 -3.71 -13.50
C ASN A 805 9.65 -3.75 -12.94
N THR A 806 9.77 -4.03 -11.65
CA THR A 806 11.04 -4.03 -10.95
C THR A 806 11.30 -5.40 -10.33
N THR A 807 12.53 -5.60 -9.87
CA THR A 807 12.92 -6.86 -9.26
C THR A 807 12.02 -7.20 -8.07
N GLY A 808 11.82 -6.24 -7.17
CA GLY A 808 10.92 -6.45 -6.06
C GLY A 808 9.49 -6.71 -6.51
N ALA A 809 9.05 -5.98 -7.54
CA ALA A 809 7.70 -6.18 -8.05
C ALA A 809 7.52 -7.59 -8.62
N LEU A 810 8.50 -8.07 -9.38
CA LEU A 810 8.40 -9.42 -9.94
C LEU A 810 8.47 -10.47 -8.85
N THR A 811 9.30 -10.23 -7.82
CA THR A 811 9.34 -11.17 -6.71
C THR A 811 8.01 -11.23 -5.98
N THR A 812 7.37 -10.08 -5.76
CA THR A 812 6.04 -10.07 -5.16
C THR A 812 5.03 -10.76 -6.07
N ARG A 813 5.22 -10.63 -7.39
CA ARG A 813 4.36 -11.33 -8.33
C ARG A 813 4.49 -12.85 -8.17
N LEU A 814 5.72 -13.33 -8.02
CA LEU A 814 5.92 -14.75 -7.75
C LEU A 814 5.43 -15.17 -6.37
N ALA A 815 5.39 -14.24 -5.41
CA ALA A 815 5.08 -14.60 -4.04
C ALA A 815 3.59 -14.62 -3.73
N ASN A 816 2.88 -13.57 -4.13
CA ASN A 816 1.50 -13.38 -3.68
C ASN A 816 0.46 -13.53 -4.79
N ASP A 817 0.88 -13.83 -6.03
CA ASP A 817 -0.07 -14.08 -7.11
C ASP A 817 -0.33 -15.57 -7.31
N ALA A 818 -0.32 -16.34 -6.21
CA ALA A 818 -0.67 -17.74 -6.22
C ALA A 818 -1.91 -18.04 -5.39
N ALA A 819 -1.96 -17.54 -4.15
CA ALA A 819 -3.15 -17.72 -3.32
C ALA A 819 -4.38 -17.10 -3.98
N GLN A 820 -4.18 -16.07 -4.80
CA GLN A 820 -5.27 -15.54 -5.58
C GLN A 820 -5.80 -16.60 -6.56
N VAL A 821 -4.89 -17.32 -7.23
CA VAL A 821 -5.32 -18.43 -8.06
C VAL A 821 -5.84 -19.58 -7.20
N LYS A 822 -5.25 -19.81 -6.04
CA LYS A 822 -5.77 -20.96 -5.26
C LYS A 822 -7.29 -20.81 -5.18
N GLY A 823 -7.73 -19.57 -4.94
CA GLY A 823 -9.17 -19.33 -4.76
C GLY A 823 -9.87 -18.97 -6.05
N ALA A 824 -9.12 -18.77 -7.11
CA ALA A 824 -9.75 -18.32 -8.37
C ALA A 824 -10.11 -19.57 -9.17
N THR A 825 -9.40 -20.65 -8.89
CA THR A 825 -9.62 -21.83 -9.72
C THR A 825 -10.42 -22.91 -8.98
N GLY A 826 -9.92 -23.49 -7.90
CA GLY A 826 -10.71 -24.67 -7.45
C GLY A 826 -11.75 -24.38 -6.40
N SER A 827 -11.44 -23.54 -5.41
CA SER A 827 -12.40 -23.28 -4.31
C SER A 827 -13.67 -22.63 -4.88
N ARG A 828 -13.54 -21.75 -5.87
CA ARG A 828 -14.74 -21.00 -6.34
C ARG A 828 -15.80 -21.92 -6.93
N LEU A 829 -15.43 -22.78 -7.89
CA LEU A 829 -16.41 -23.70 -8.44
C LEU A 829 -17.09 -24.52 -7.34
N ALA A 830 -16.33 -24.86 -6.29
CA ALA A 830 -16.95 -25.52 -5.14
C ALA A 830 -18.02 -24.64 -4.53
N VAL A 831 -17.74 -23.34 -4.38
CA VAL A 831 -18.73 -22.42 -3.83
C VAL A 831 -19.94 -22.35 -4.75
N ILE A 832 -19.71 -22.25 -6.06
CA ILE A 832 -20.81 -22.18 -7.02
C ILE A 832 -21.71 -23.40 -6.86
N PHE A 833 -21.11 -24.59 -6.89
CA PHE A 833 -21.89 -25.82 -6.91
C PHE A 833 -22.62 -26.01 -5.59
N GLN A 834 -21.93 -25.85 -4.46
CA GLN A 834 -22.58 -26.01 -3.17
C GLN A 834 -23.71 -25.02 -2.99
N ASN A 835 -23.46 -23.75 -3.32
CA ASN A 835 -24.46 -22.71 -3.12
C ASN A 835 -25.68 -22.96 -4.00
N ILE A 836 -25.47 -23.25 -5.29
CA ILE A 836 -26.59 -23.41 -6.19
C ILE A 836 -27.36 -24.68 -5.86
N ALA A 837 -26.66 -25.75 -5.46
CA ALA A 837 -27.36 -26.97 -5.06
C ALA A 837 -28.22 -26.71 -3.83
N ASN A 838 -27.65 -26.01 -2.84
CA ASN A 838 -28.40 -25.67 -1.63
C ASN A 838 -29.66 -24.90 -1.97
N LEU A 839 -29.51 -23.80 -2.71
CA LEU A 839 -30.65 -22.94 -2.98
C LEU A 839 -31.68 -23.66 -3.84
N GLY A 840 -31.23 -24.40 -4.85
CA GLY A 840 -32.16 -25.10 -5.72
C GLY A 840 -32.94 -26.19 -5.01
N THR A 841 -32.27 -26.99 -4.17
CA THR A 841 -32.99 -28.05 -3.47
C THR A 841 -33.92 -27.45 -2.42
N GLY A 842 -33.53 -26.33 -1.80
CA GLY A 842 -34.45 -25.64 -0.92
C GLY A 842 -35.70 -25.17 -1.65
N ILE A 843 -35.52 -24.57 -2.83
CA ILE A 843 -36.67 -24.08 -3.58
C ILE A 843 -37.56 -25.22 -4.03
N ILE A 844 -36.98 -26.33 -4.48
CA ILE A 844 -37.82 -27.43 -4.97
C ILE A 844 -38.56 -28.09 -3.81
N ILE A 845 -37.89 -28.25 -2.65
CA ILE A 845 -38.60 -28.83 -1.52
C ILE A 845 -39.68 -27.88 -1.03
N SER A 846 -39.45 -26.57 -1.13
CA SER A 846 -40.50 -25.61 -0.81
C SER A 846 -41.68 -25.77 -1.77
N LEU A 847 -41.40 -25.84 -3.07
CA LEU A 847 -42.47 -25.95 -4.06
C LEU A 847 -43.27 -27.23 -3.87
N ILE A 848 -42.61 -28.33 -3.52
CA ILE A 848 -43.32 -29.58 -3.25
C ILE A 848 -44.15 -29.46 -1.98
N TYR A 849 -43.57 -28.92 -0.91
CA TYR A 849 -44.25 -28.83 0.36
C TYR A 849 -44.98 -27.50 0.56
N GLY A 850 -44.93 -26.59 -0.40
CA GLY A 850 -45.62 -25.33 -0.28
C GLY A 850 -45.96 -24.76 -1.64
N TRP A 851 -47.06 -24.00 -1.68
CA TRP A 851 -47.56 -23.49 -2.96
C TRP A 851 -47.74 -21.98 -3.00
N GLN A 852 -47.95 -21.32 -1.87
CA GLN A 852 -48.18 -19.88 -1.91
C GLN A 852 -47.09 -19.07 -1.21
N LEU A 853 -46.84 -19.32 0.07
CA LEU A 853 -45.86 -18.51 0.80
C LEU A 853 -44.45 -18.77 0.28
N THR A 854 -44.24 -19.93 -0.36
CA THR A 854 -42.95 -20.20 -0.97
C THR A 854 -42.58 -19.12 -1.98
N LEU A 855 -43.50 -18.80 -2.90
CA LEU A 855 -43.24 -17.75 -3.87
C LEU A 855 -43.14 -16.39 -3.20
N LEU A 856 -43.90 -16.18 -2.12
CA LEU A 856 -43.82 -14.91 -1.41
C LEU A 856 -42.41 -14.68 -0.87
N LEU A 857 -41.85 -15.69 -0.20
CA LEU A 857 -40.47 -15.57 0.28
C LEU A 857 -39.49 -15.46 -0.88
N LEU A 858 -39.67 -16.28 -1.92
CA LEU A 858 -38.80 -16.24 -3.08
C LEU A 858 -38.82 -14.89 -3.78
N ALA A 859 -39.89 -14.12 -3.61
CA ALA A 859 -39.95 -12.79 -4.20
C ALA A 859 -39.45 -11.71 -3.24
N ILE A 860 -39.72 -11.84 -1.94
CA ILE A 860 -39.33 -10.78 -1.03
C ILE A 860 -37.83 -10.81 -0.75
N VAL A 861 -37.24 -11.99 -0.55
CA VAL A 861 -35.80 -12.04 -0.24
C VAL A 861 -34.96 -11.30 -1.27
N PRO A 862 -35.20 -11.41 -2.57
CA PRO A 862 -34.41 -10.62 -3.53
C PRO A 862 -34.49 -9.12 -3.33
N ILE A 863 -35.61 -8.57 -2.88
CA ILE A 863 -35.66 -7.11 -2.76
C ILE A 863 -34.79 -6.65 -1.59
N ILE A 864 -34.77 -7.39 -0.48
CA ILE A 864 -33.83 -7.08 0.59
C ILE A 864 -32.39 -7.25 0.11
N ALA A 865 -32.13 -8.31 -0.67
CA ALA A 865 -30.78 -8.52 -1.17
C ALA A 865 -30.32 -7.34 -2.04
N ILE A 866 -31.16 -6.92 -2.97
CA ILE A 866 -30.79 -5.81 -3.84
C ILE A 866 -30.72 -4.51 -3.08
N ALA A 867 -31.55 -4.34 -2.04
CA ALA A 867 -31.45 -3.14 -1.21
C ALA A 867 -30.11 -3.10 -0.49
N GLY A 868 -29.68 -4.22 0.08
CA GLY A 868 -28.38 -4.27 0.72
C GLY A 868 -27.25 -4.01 -0.25
N VAL A 869 -27.34 -4.60 -1.45
CA VAL A 869 -26.30 -4.39 -2.45
C VAL A 869 -26.24 -2.93 -2.86
N VAL A 870 -27.40 -2.30 -3.08
CA VAL A 870 -27.41 -0.92 -3.57
C VAL A 870 -26.97 0.04 -2.46
N GLU A 871 -27.24 -0.29 -1.19
CA GLU A 871 -26.81 0.60 -0.12
C GLU A 871 -25.32 0.47 0.16
N MET A 872 -24.76 -0.74 0.03
CA MET A 872 -23.30 -0.87 -0.07
C MET A 872 -22.73 -0.06 -1.22
N LYS A 873 -23.36 -0.14 -2.39
CA LYS A 873 -22.86 0.60 -3.55
C LYS A 873 -22.90 2.10 -3.31
N MET A 874 -23.98 2.60 -2.70
CA MET A 874 -24.11 4.02 -2.43
C MET A 874 -23.11 4.47 -1.38
N LEU A 875 -22.89 3.66 -0.34
CA LEU A 875 -21.86 4.00 0.65
C LEU A 875 -20.49 4.08 0.00
N SER A 876 -20.15 3.11 -0.85
CA SER A 876 -18.86 3.15 -1.53
C SER A 876 -18.75 4.36 -2.44
N GLY A 877 -19.81 4.67 -3.18
CA GLY A 877 -19.78 5.81 -4.07
C GLY A 877 -19.60 7.12 -3.32
N GLN A 878 -20.32 7.28 -2.20
CA GLN A 878 -20.19 8.49 -1.40
C GLN A 878 -18.79 8.58 -0.80
N ALA A 879 -18.23 7.46 -0.35
CA ALA A 879 -16.88 7.50 0.20
C ALA A 879 -15.86 7.91 -0.85
N LEU A 880 -15.97 7.35 -2.06
CA LEU A 880 -15.05 7.73 -3.14
C LEU A 880 -15.24 9.18 -3.53
N LYS A 881 -16.50 9.66 -3.58
CA LYS A 881 -16.74 11.07 -3.88
C LYS A 881 -16.09 11.97 -2.84
N ASP A 882 -16.23 11.62 -1.56
CA ASP A 882 -15.61 12.42 -0.51
C ASP A 882 -14.10 12.41 -0.63
N LYS A 883 -13.50 11.25 -0.88
CA LYS A 883 -12.06 11.19 -1.04
C LYS A 883 -11.61 12.03 -2.23
N LYS A 884 -12.40 12.05 -3.30
CA LYS A 884 -12.06 12.88 -4.46
C LYS A 884 -12.18 14.37 -4.14
N GLU A 885 -13.20 14.76 -3.37
CA GLU A 885 -13.45 16.19 -3.19
C GLU A 885 -12.68 16.75 -1.99
N LEU A 886 -12.01 15.90 -1.23
CA LEU A 886 -10.99 16.44 -0.31
C LEU A 886 -9.65 16.71 -1.00
N GLU A 887 -9.57 16.49 -2.31
CA GLU A 887 -8.30 16.70 -3.02
C GLU A 887 -7.86 18.15 -2.94
N GLY A 888 -8.80 19.09 -2.93
CA GLY A 888 -8.41 20.49 -2.82
C GLY A 888 -7.75 20.81 -1.49
N SER A 889 -8.34 20.34 -0.39
CA SER A 889 -7.74 20.53 0.92
C SER A 889 -6.39 19.84 1.00
N GLY A 890 -6.31 18.63 0.43
CA GLY A 890 -5.03 17.94 0.40
C GLY A 890 -3.97 18.72 -0.36
N LYS A 891 -4.36 19.32 -1.50
CA LYS A 891 -3.43 20.13 -2.26
C LYS A 891 -2.95 21.33 -1.47
N ILE A 892 -3.87 22.00 -0.77
CA ILE A 892 -3.47 23.14 0.05
C ILE A 892 -2.49 22.70 1.14
N ALA A 893 -2.79 21.58 1.80
CA ALA A 893 -1.90 21.10 2.85
C ALA A 893 -0.53 20.75 2.31
N THR A 894 -0.47 20.04 1.18
CA THR A 894 0.81 19.69 0.59
C THR A 894 1.60 20.92 0.21
N GLU A 895 0.95 21.87 -0.46
CA GLU A 895 1.67 23.07 -0.91
C GLU A 895 2.17 23.88 0.29
N ALA A 896 1.37 23.96 1.35
CA ALA A 896 1.79 24.72 2.53
C ALA A 896 2.97 24.04 3.22
N ILE A 897 2.90 22.72 3.41
CA ILE A 897 3.94 22.04 4.16
C ILE A 897 5.24 21.99 3.36
N GLU A 898 5.14 21.84 2.03
CA GLU A 898 6.35 21.80 1.20
C GLU A 898 7.13 23.11 1.31
N ASN A 899 6.43 24.24 1.36
CA ASN A 899 7.05 25.56 1.45
C ASN A 899 6.98 26.11 2.86
N PHE A 900 7.14 25.24 3.86
CA PHE A 900 6.94 25.65 5.25
C PHE A 900 7.93 26.74 5.66
N ARG A 901 9.18 26.63 5.21
CA ARG A 901 10.16 27.67 5.52
C ARG A 901 9.74 29.01 4.92
N THR A 902 9.21 29.00 3.70
CA THR A 902 8.71 30.23 3.10
C THR A 902 7.52 30.77 3.89
N VAL A 903 6.66 29.86 4.38
CA VAL A 903 5.52 30.29 5.19
C VAL A 903 6.01 30.98 6.45
N VAL A 904 7.05 30.45 7.08
CA VAL A 904 7.58 31.09 8.29
C VAL A 904 8.22 32.44 7.95
N SER A 905 8.96 32.50 6.84
CA SER A 905 9.65 33.74 6.49
C SER A 905 8.67 34.85 6.13
N LEU A 906 7.44 34.50 5.75
CA LEU A 906 6.43 35.49 5.40
C LEU A 906 5.36 35.52 6.49
N THR A 907 5.16 36.70 7.08
CA THR A 907 4.18 36.85 8.15
C THR A 907 2.77 36.47 7.69
N ARG A 908 2.48 36.56 6.40
CA ARG A 908 1.15 36.24 5.88
C ARG A 908 0.94 34.74 5.94
N GLU A 909 0.37 34.27 7.05
CA GLU A 909 0.17 32.85 7.30
C GLU A 909 -1.26 32.46 7.67
N GLN A 910 -2.02 33.34 8.33
CA GLN A 910 -3.38 32.97 8.73
C GLN A 910 -4.28 32.76 7.52
N LYS A 911 -3.94 33.37 6.39
CA LYS A 911 -4.71 33.15 5.16
C LYS A 911 -4.68 31.68 4.76
N PHE A 912 -3.55 31.01 4.97
CA PHE A 912 -3.46 29.59 4.68
C PHE A 912 -4.47 28.80 5.51
N GLU A 913 -4.55 29.10 6.80
CA GLU A 913 -5.55 28.48 7.65
C GLU A 913 -6.94 28.79 7.17
N THR A 914 -7.17 30.01 6.67
CA THR A 914 -8.49 30.39 6.21
C THR A 914 -8.91 29.57 4.99
N MET A 915 -8.05 29.49 3.98
CA MET A 915 -8.43 28.70 2.79
C MET A 915 -8.55 27.22 3.13
N TYR A 916 -7.67 26.71 4.01
CA TYR A 916 -7.80 25.32 4.41
C TYR A 916 -9.13 25.07 5.12
N ALA A 917 -9.53 26.01 5.98
CA ALA A 917 -10.81 25.87 6.68
C ALA A 917 -11.97 25.88 5.72
N GLN A 918 -11.93 26.76 4.70
CA GLN A 918 -13.02 26.80 3.74
C GLN A 918 -13.08 25.51 2.91
N SER A 919 -11.94 25.09 2.36
CA SER A 919 -11.85 23.89 1.54
C SER A 919 -12.01 22.62 2.36
N LEU A 920 -12.07 22.73 3.69
CA LEU A 920 -12.41 21.59 4.52
C LEU A 920 -13.86 21.64 4.98
N GLN A 921 -14.43 22.84 5.12
CA GLN A 921 -15.81 22.96 5.59
C GLN A 921 -16.79 22.64 4.47
N ILE A 922 -16.42 22.92 3.22
CA ILE A 922 -17.25 22.44 2.10
C ILE A 922 -17.36 20.92 2.11
N PRO A 923 -16.27 20.14 2.18
CA PRO A 923 -16.42 18.70 2.43
C PRO A 923 -17.12 18.38 3.74
N TYR A 924 -16.99 19.25 4.74
CA TYR A 924 -17.67 19.02 6.02
C TYR A 924 -19.18 19.14 5.86
N ARG A 925 -19.63 20.14 5.09
CA ARG A 925 -21.04 20.22 4.73
C ARG A 925 -21.47 18.99 3.96
N ASN A 926 -20.65 18.55 3.01
CA ASN A 926 -20.94 17.30 2.30
C ASN A 926 -21.05 16.13 3.26
N ALA A 927 -20.25 16.15 4.34
CA ALA A 927 -20.28 15.07 5.32
C ALA A 927 -21.60 15.04 6.08
N MET A 928 -22.08 16.21 6.53
CA MET A 928 -23.41 16.20 7.16
C MET A 928 -24.47 15.75 6.17
N LYS A 929 -24.40 16.21 4.92
CA LYS A 929 -25.39 15.79 3.94
C LYS A 929 -25.36 14.27 3.72
N LYS A 930 -24.16 13.67 3.75
CA LYS A 930 -24.04 12.23 3.59
C LYS A 930 -24.54 11.48 4.82
N ALA A 931 -24.40 12.07 6.01
CA ALA A 931 -24.76 11.37 7.24
C ALA A 931 -26.24 11.02 7.27
N HIS A 932 -27.11 11.99 6.97
CA HIS A 932 -28.55 11.73 7.01
C HIS A 932 -28.95 10.67 6.00
N VAL A 933 -28.35 10.72 4.81
CA VAL A 933 -28.67 9.74 3.78
C VAL A 933 -28.23 8.35 4.23
N PHE A 934 -27.02 8.24 4.79
CA PHE A 934 -26.55 6.95 5.26
C PHE A 934 -27.51 6.38 6.29
N GLY A 935 -27.91 7.22 7.25
CA GLY A 935 -28.83 6.76 8.28
C GLY A 935 -30.17 6.32 7.71
N ILE A 936 -30.71 7.11 6.78
CA ILE A 936 -32.04 6.79 6.27
C ILE A 936 -32.00 5.50 5.46
N THR A 937 -30.95 5.26 4.68
CA THR A 937 -30.87 4.00 3.94
C THR A 937 -30.68 2.80 4.88
N PHE A 938 -29.83 2.93 5.90
CA PHE A 938 -29.64 1.79 6.79
C PHE A 938 -30.93 1.48 7.54
N SER A 939 -31.61 2.52 8.02
CA SER A 939 -32.90 2.33 8.68
C SER A 939 -33.91 1.74 7.72
N PHE A 940 -33.88 2.17 6.45
CA PHE A 940 -34.82 1.66 5.47
C PHE A 940 -34.62 0.17 5.23
N THR A 941 -33.37 -0.29 5.14
CA THR A 941 -33.16 -1.72 4.89
C THR A 941 -33.51 -2.54 6.14
N GLN A 942 -33.22 -2.02 7.34
CA GLN A 942 -33.67 -2.73 8.53
C GLN A 942 -35.18 -2.82 8.60
N ALA A 943 -35.87 -1.73 8.26
CA ALA A 943 -37.33 -1.75 8.26
C ALA A 943 -37.86 -2.70 7.21
N MET A 944 -37.18 -2.78 6.06
CA MET A 944 -37.60 -3.74 5.03
C MET A 944 -37.45 -5.17 5.53
N MET A 945 -36.35 -5.46 6.23
CA MET A 945 -36.18 -6.78 6.83
C MET A 945 -37.32 -7.10 7.80
N TYR A 946 -37.59 -6.18 8.73
CA TYR A 946 -38.62 -6.43 9.73
C TYR A 946 -40.00 -6.55 9.09
N PHE A 947 -40.30 -5.71 8.09
CA PHE A 947 -41.57 -5.78 7.40
C PHE A 947 -41.71 -7.09 6.63
N SER A 948 -40.62 -7.57 6.03
CA SER A 948 -40.67 -8.86 5.36
C SER A 948 -40.97 -9.98 6.34
N TYR A 949 -40.31 -9.94 7.51
CA TYR A 949 -40.63 -10.91 8.56
C TYR A 949 -42.11 -10.87 8.90
N ALA A 950 -42.62 -9.68 9.19
CA ALA A 950 -44.00 -9.55 9.64
C ALA A 950 -44.99 -10.01 8.57
N ALA A 951 -44.74 -9.64 7.32
CA ALA A 951 -45.60 -10.06 6.23
C ALA A 951 -45.56 -11.58 6.06
N ALA A 952 -44.38 -12.18 6.20
CA ALA A 952 -44.28 -13.63 6.12
C ALA A 952 -45.14 -14.29 7.18
N PHE A 953 -45.02 -13.82 8.43
CA PHE A 953 -45.82 -14.43 9.50
C PHE A 953 -47.31 -14.21 9.27
N ARG A 954 -47.69 -13.00 8.83
CA ARG A 954 -49.10 -12.74 8.61
C ARG A 954 -49.68 -13.65 7.53
N PHE A 955 -48.98 -13.77 6.40
CA PHE A 955 -49.48 -14.62 5.32
C PHE A 955 -49.49 -16.08 5.73
N GLY A 956 -48.46 -16.54 6.45
CA GLY A 956 -48.45 -17.91 6.92
C GLY A 956 -49.63 -18.21 7.82
N ALA A 957 -49.88 -17.34 8.80
CA ALA A 957 -51.02 -17.55 9.69
C ALA A 957 -52.34 -17.49 8.92
N TYR A 958 -52.46 -16.54 7.99
CA TYR A 958 -53.68 -16.41 7.21
C TYR A 958 -53.97 -17.67 6.42
N LEU A 959 -52.94 -18.27 5.81
CA LEU A 959 -53.18 -19.44 4.99
C LEU A 959 -53.38 -20.67 5.88
N VAL A 960 -52.79 -20.68 7.08
CA VAL A 960 -53.08 -21.74 8.03
C VAL A 960 -54.55 -21.69 8.44
N THR A 961 -55.10 -20.49 8.63
CA THR A 961 -56.52 -20.37 8.91
C THR A 961 -57.36 -20.97 7.78
N GLN A 962 -56.83 -20.97 6.56
CA GLN A 962 -57.47 -21.66 5.45
C GLN A 962 -57.34 -23.17 5.56
N GLN A 963 -56.51 -23.66 6.49
CA GLN A 963 -56.31 -25.10 6.71
C GLN A 963 -55.79 -25.79 5.45
N LEU A 964 -54.64 -25.32 4.96
CA LEU A 964 -54.07 -25.83 3.72
C LEU A 964 -52.59 -26.18 3.81
N MET A 965 -51.95 -25.77 4.88
CA MET A 965 -50.54 -26.12 5.07
C MET A 965 -50.31 -26.13 6.58
N THR A 966 -49.85 -27.24 7.17
CA THR A 966 -49.76 -27.33 8.64
C THR A 966 -48.58 -26.54 9.16
N PHE A 967 -48.54 -26.25 10.45
CA PHE A 967 -47.47 -25.36 10.94
C PHE A 967 -46.18 -26.04 10.64
N GLU A 968 -46.10 -27.35 10.77
CA GLU A 968 -44.79 -27.91 10.43
C GLU A 968 -44.44 -27.51 9.02
N ASN A 969 -45.41 -27.29 8.12
CA ASN A 969 -44.89 -27.00 6.79
C ASN A 969 -44.55 -25.53 6.65
N VAL A 970 -45.31 -24.65 7.30
CA VAL A 970 -45.00 -23.23 7.24
C VAL A 970 -43.62 -22.96 7.83
N CYS A 971 -43.37 -23.49 9.02
CA CYS A 971 -42.05 -23.33 9.64
C CYS A 971 -40.97 -23.99 8.80
N LEU A 972 -41.28 -25.16 8.23
CA LEU A 972 -40.37 -25.79 7.29
C LEU A 972 -39.90 -24.82 6.22
N VAL A 973 -40.84 -24.30 5.42
CA VAL A 973 -40.44 -23.49 4.27
C VAL A 973 -39.79 -22.19 4.72
N PHE A 974 -40.32 -21.56 5.76
CA PHE A 974 -39.78 -20.29 6.21
C PHE A 974 -38.34 -20.44 6.70
N SER A 975 -38.11 -21.39 7.62
CA SER A 975 -36.77 -21.61 8.14
C SER A 975 -35.84 -22.09 7.05
N ALA A 976 -36.33 -22.96 6.16
CA ALA A 976 -35.48 -23.47 5.09
C ALA A 976 -34.97 -22.34 4.21
N ILE A 977 -35.88 -21.48 3.74
CA ILE A 977 -35.46 -20.40 2.83
C ILE A 977 -34.55 -19.41 3.56
N VAL A 978 -34.92 -19.00 4.77
CA VAL A 978 -34.11 -17.98 5.46
C VAL A 978 -32.74 -18.52 5.83
N PHE A 979 -32.66 -19.76 6.35
CA PHE A 979 -31.37 -20.32 6.70
C PHE A 979 -30.55 -20.65 5.46
N GLY A 980 -31.19 -20.99 4.34
CA GLY A 980 -30.46 -21.16 3.10
C GLY A 980 -29.84 -19.86 2.63
N ALA A 981 -30.60 -18.76 2.71
CA ALA A 981 -30.03 -17.46 2.35
C ALA A 981 -28.89 -17.09 3.28
N MET A 982 -29.05 -17.37 4.59
CA MET A 982 -27.97 -17.12 5.53
C MET A 982 -26.74 -17.93 5.19
N ALA A 983 -26.93 -19.20 4.81
CA ALA A 983 -25.81 -20.03 4.40
C ALA A 983 -25.14 -19.47 3.15
N VAL A 984 -25.93 -18.99 2.19
CA VAL A 984 -25.38 -18.35 1.00
C VAL A 984 -24.48 -17.19 1.40
N GLY A 985 -25.00 -16.32 2.27
CA GLY A 985 -24.22 -15.16 2.68
C GLY A 985 -22.94 -15.54 3.39
N GLN A 986 -23.03 -16.47 4.34
CA GLN A 986 -21.85 -16.85 5.11
C GLN A 986 -20.80 -17.53 4.25
N VAL A 987 -21.23 -18.43 3.36
CA VAL A 987 -20.28 -19.13 2.50
C VAL A 987 -19.64 -18.17 1.51
N SER A 988 -20.43 -17.26 0.93
CA SER A 988 -19.86 -16.28 0.02
C SER A 988 -18.86 -15.38 0.73
N SER A 989 -19.08 -15.10 2.02
CA SER A 989 -18.06 -14.28 2.71
C SER A 989 -16.90 -15.16 3.19
N PHE A 990 -17.19 -16.40 3.61
CA PHE A 990 -16.11 -17.34 4.00
C PHE A 990 -15.34 -17.78 2.76
N ALA A 991 -15.87 -17.48 1.57
CA ALA A 991 -15.23 -17.88 0.30
C ALA A 991 -13.87 -17.20 0.19
N PRO A 992 -12.88 -17.75 -0.53
CA PRO A 992 -11.54 -17.16 -0.55
C PRO A 992 -11.38 -15.96 -1.49
N ASP A 993 -12.10 -14.87 -1.22
CA ASP A 993 -11.90 -13.61 -1.98
C ASP A 993 -11.94 -13.84 -3.50
N TYR A 994 -12.99 -14.47 -4.02
CA TYR A 994 -13.05 -14.59 -5.50
C TYR A 994 -13.05 -13.18 -6.08
N ALA A 995 -12.38 -13.00 -7.22
CA ALA A 995 -12.26 -11.66 -7.85
C ALA A 995 -11.48 -10.72 -6.94
N LYS A 996 -11.91 -9.46 -6.84
CA LYS A 996 -11.16 -8.47 -6.06
C LYS A 996 -9.77 -8.37 -6.65
N ALA A 997 -8.71 -8.75 -5.93
CA ALA A 997 -7.35 -8.72 -6.45
C ALA A 997 -6.93 -10.05 -7.05
N THR A 998 -7.82 -11.03 -7.13
CA THR A 998 -7.42 -12.37 -7.59
C THR A 998 -7.53 -12.51 -9.11
N VAL A 999 -8.69 -12.21 -9.68
CA VAL A 999 -8.85 -12.32 -11.13
C VAL A 999 -7.92 -11.34 -11.84
N SER A 1000 -7.66 -10.19 -11.21
CA SER A 1000 -6.68 -9.26 -11.77
C SER A 1000 -5.30 -9.90 -11.84
N ALA A 1001 -4.82 -10.45 -10.73
CA ALA A 1001 -3.54 -11.16 -10.76
C ALA A 1001 -3.61 -12.36 -11.70
N SER A 1002 -4.78 -12.96 -11.84
CA SER A 1002 -4.92 -14.08 -12.76
C SER A 1002 -4.64 -13.65 -14.19
N HIS A 1003 -5.24 -12.53 -14.62
CA HIS A 1003 -5.02 -12.12 -16.01
C HIS A 1003 -3.61 -11.58 -16.19
N ILE A 1004 -3.03 -11.00 -15.14
CA ILE A 1004 -1.62 -10.59 -15.22
C ILE A 1004 -0.74 -11.81 -15.42
N ILE A 1005 -1.00 -12.88 -14.68
CA ILE A 1005 -0.23 -14.12 -14.85
C ILE A 1005 -0.41 -14.66 -16.26
N ARG A 1006 -1.64 -14.67 -16.75
CA ARG A 1006 -1.89 -15.15 -18.11
C ARG A 1006 -1.14 -14.32 -19.14
N ILE A 1007 -1.13 -12.99 -18.97
CA ILE A 1007 -0.46 -12.11 -19.92
C ILE A 1007 1.05 -12.37 -19.91
N ILE A 1008 1.65 -12.44 -18.71
CA ILE A 1008 3.09 -12.63 -18.65
C ILE A 1008 3.48 -14.01 -19.17
N GLU A 1009 2.65 -15.04 -18.92
CA GLU A 1009 2.94 -16.36 -19.45
C GLU A 1009 2.81 -16.39 -20.96
N LYS A 1010 1.80 -15.70 -21.48
CA LYS A 1010 1.57 -15.81 -22.95
C LYS A 1010 2.39 -14.71 -23.64
N THR A 1011 3.26 -14.03 -22.89
CA THR A 1011 3.98 -12.88 -23.53
C THR A 1011 4.87 -13.42 -24.64
N PRO A 1012 4.80 -12.88 -25.87
CA PRO A 1012 5.70 -13.28 -26.94
C PRO A 1012 6.81 -12.23 -27.01
N GLU A 1013 8.00 -12.60 -26.58
CA GLU A 1013 9.13 -11.64 -26.58
C GLU A 1013 9.87 -11.72 -27.92
N ILE A 1014 10.91 -10.90 -28.09
CA ILE A 1014 11.74 -11.03 -29.32
C ILE A 1014 12.28 -12.46 -29.27
N ASP A 1015 12.48 -13.09 -30.43
CA ASP A 1015 12.83 -14.53 -30.39
C ASP A 1015 14.02 -14.76 -29.47
N SER A 1016 13.90 -15.75 -28.58
CA SER A 1016 15.00 -16.10 -27.64
C SER A 1016 14.84 -17.56 -27.24
N TYR A 1017 15.94 -18.21 -26.86
CA TYR A 1017 15.89 -19.66 -26.51
C TYR A 1017 15.34 -20.43 -27.72
N SER A 1018 15.25 -19.78 -28.88
CA SER A 1018 14.64 -20.46 -30.05
C SER A 1018 15.69 -21.36 -30.73
N THR A 1019 15.33 -22.62 -30.97
CA THR A 1019 16.26 -23.59 -31.59
C THR A 1019 16.47 -23.23 -33.07
N GLN A 1020 15.61 -22.38 -33.62
CA GLN A 1020 15.67 -22.05 -35.08
C GLN A 1020 17.02 -21.42 -35.44
N GLY A 1021 17.64 -20.71 -34.50
CA GLY A 1021 18.91 -20.01 -34.78
C GLY A 1021 19.96 -20.94 -35.38
N LEU A 1022 20.52 -20.55 -36.53
CA LEU A 1022 21.61 -21.35 -37.16
C LEU A 1022 22.84 -21.29 -36.27
N LYS A 1023 23.60 -22.37 -36.16
CA LYS A 1023 24.86 -22.32 -35.38
C LYS A 1023 26.04 -22.78 -36.25
N PRO A 1024 27.03 -21.90 -36.54
CA PRO A 1024 28.23 -22.32 -37.28
C PRO A 1024 29.20 -23.14 -36.41
N ASN A 1025 29.92 -24.07 -37.02
CA ASN A 1025 30.87 -24.93 -36.26
C ASN A 1025 32.01 -24.09 -35.65
N MET A 1026 32.59 -23.15 -36.41
CA MET A 1026 33.76 -22.40 -35.90
C MET A 1026 33.63 -20.91 -36.23
N LEU A 1027 34.21 -20.05 -35.38
CA LEU A 1027 34.15 -18.58 -35.62
C LEU A 1027 35.56 -18.03 -35.77
N GLU A 1028 35.85 -17.39 -36.91
CA GLU A 1028 37.19 -16.75 -37.09
C GLU A 1028 37.15 -15.35 -36.48
N GLY A 1029 36.24 -15.10 -35.53
CA GLY A 1029 36.14 -13.80 -34.89
C GLY A 1029 36.03 -12.64 -35.85
N ASN A 1030 35.30 -12.81 -36.95
CA ASN A 1030 35.13 -11.74 -37.94
C ASN A 1030 34.02 -10.79 -37.52
N VAL A 1031 34.26 -10.09 -36.41
CA VAL A 1031 33.28 -9.16 -35.87
C VAL A 1031 33.47 -7.80 -36.52
N GLN A 1032 32.40 -7.26 -37.11
CA GLN A 1032 32.41 -5.93 -37.66
C GLN A 1032 31.27 -5.12 -37.04
N PHE A 1033 31.52 -3.83 -36.87
CA PHE A 1033 30.58 -2.93 -36.19
C PHE A 1033 30.42 -1.65 -36.99
N SER A 1034 30.18 -1.79 -38.29
CA SER A 1034 30.13 -0.65 -39.20
C SER A 1034 28.68 -0.28 -39.49
N GLY A 1035 28.35 1.00 -39.33
CA GLY A 1035 27.06 1.51 -39.73
C GLY A 1035 25.88 0.93 -38.99
N VAL A 1036 25.97 0.85 -37.67
CA VAL A 1036 24.89 0.33 -36.83
C VAL A 1036 24.48 1.41 -35.84
N VAL A 1037 23.19 1.72 -35.80
CA VAL A 1037 22.65 2.75 -34.92
C VAL A 1037 21.47 2.18 -34.15
N PHE A 1038 21.51 2.31 -32.83
CA PHE A 1038 20.40 1.91 -31.97
C PHE A 1038 20.60 2.52 -30.60
N ASN A 1039 19.55 2.50 -29.79
CA ASN A 1039 19.58 3.07 -28.45
C ASN A 1039 18.66 2.25 -27.55
N TYR A 1040 18.36 2.79 -26.39
CA TYR A 1040 17.48 2.11 -25.44
C TYR A 1040 16.05 2.08 -25.99
N PRO A 1041 15.44 0.91 -26.17
CA PRO A 1041 14.03 0.87 -26.58
C PRO A 1041 13.09 1.55 -25.60
N THR A 1042 13.39 1.50 -24.30
CA THR A 1042 12.52 2.14 -23.32
C THR A 1042 12.55 3.66 -23.47
N ARG A 1043 13.72 4.22 -23.80
CA ARG A 1043 13.86 5.67 -23.98
C ARG A 1043 14.57 5.93 -25.30
N PRO A 1044 13.83 6.03 -26.40
CA PRO A 1044 14.46 6.33 -27.69
C PRO A 1044 14.73 7.81 -27.88
N SER A 1045 14.68 8.57 -26.78
CA SER A 1045 14.86 10.01 -26.85
C SER A 1045 16.27 10.38 -27.32
N ILE A 1046 17.26 9.58 -26.94
CA ILE A 1046 18.65 9.86 -27.30
C ILE A 1046 19.14 8.80 -28.28
N PRO A 1047 19.20 9.10 -29.58
CA PRO A 1047 19.74 8.13 -30.56
C PRO A 1047 21.25 7.96 -30.44
N VAL A 1048 21.67 7.23 -29.41
CA VAL A 1048 23.07 6.99 -29.13
C VAL A 1048 23.60 6.03 -30.20
N LEU A 1049 24.92 5.87 -30.28
CA LEU A 1049 25.55 4.96 -31.24
C LEU A 1049 25.27 5.40 -32.67
N GLN A 1050 25.76 6.59 -33.00
CA GLN A 1050 25.51 7.20 -34.31
C GLN A 1050 26.78 7.13 -35.16
N GLY A 1051 26.66 6.54 -36.34
CA GLY A 1051 27.74 6.51 -37.31
C GLY A 1051 29.02 5.84 -36.85
N LEU A 1052 28.90 4.66 -36.24
CA LEU A 1052 30.06 3.92 -35.77
C LEU A 1052 30.50 2.91 -36.82
N SER A 1053 31.80 2.92 -37.12
CA SER A 1053 32.39 1.97 -38.06
C SER A 1053 33.54 1.26 -37.38
N LEU A 1054 33.49 -0.07 -37.35
CA LEU A 1054 34.48 -0.86 -36.63
C LEU A 1054 34.50 -2.28 -37.20
N GLU A 1055 35.67 -2.91 -37.11
CA GLU A 1055 35.87 -4.27 -37.61
C GLU A 1055 37.00 -4.92 -36.82
N VAL A 1056 36.88 -6.22 -36.55
CA VAL A 1056 37.78 -6.95 -35.67
C VAL A 1056 38.22 -8.24 -36.36
N LYS A 1057 39.52 -8.51 -36.36
CA LYS A 1057 40.05 -9.82 -36.73
C LYS A 1057 40.54 -10.56 -35.49
N LYS A 1058 41.15 -11.72 -35.72
CA LYS A 1058 41.66 -12.52 -34.62
C LYS A 1058 42.91 -11.88 -34.02
N GLY A 1059 42.96 -11.84 -32.70
CA GLY A 1059 44.14 -11.40 -31.98
C GLY A 1059 44.24 -9.92 -31.69
N GLN A 1060 43.32 -9.11 -32.22
CA GLN A 1060 43.40 -7.67 -32.00
C GLN A 1060 42.78 -7.29 -30.66
N THR A 1061 43.45 -6.40 -29.94
CA THR A 1061 42.97 -5.90 -28.65
C THR A 1061 42.35 -4.53 -28.88
N LEU A 1062 41.03 -4.50 -28.96
CA LEU A 1062 40.29 -3.28 -29.25
C LEU A 1062 40.03 -2.53 -27.95
N ALA A 1063 40.77 -1.44 -27.74
CA ALA A 1063 40.61 -0.61 -26.54
C ALA A 1063 39.73 0.60 -26.84
N LEU A 1064 38.47 0.33 -27.12
CA LEU A 1064 37.52 1.40 -27.40
C LEU A 1064 37.24 2.20 -26.13
N VAL A 1065 37.41 3.52 -26.22
CA VAL A 1065 37.22 4.39 -25.02
C VAL A 1065 36.39 5.62 -25.40
N GLY A 1066 35.06 5.50 -25.33
CA GLY A 1066 34.20 6.68 -25.56
C GLY A 1066 34.15 7.54 -24.32
N SER A 1067 33.73 8.80 -24.44
CA SER A 1067 33.76 9.72 -23.28
C SER A 1067 32.85 9.20 -22.15
N SER A 1068 31.68 8.66 -22.51
CA SER A 1068 30.77 8.09 -21.48
C SER A 1068 30.92 6.57 -21.45
N GLY A 1069 31.39 6.02 -20.32
CA GLY A 1069 31.53 4.56 -20.19
C GLY A 1069 30.20 3.84 -20.23
N GLY A 1070 29.19 4.37 -19.52
CA GLY A 1070 27.84 3.76 -19.52
C GLY A 1070 27.23 3.81 -20.90
N GLY A 1071 27.38 4.94 -21.60
CA GLY A 1071 26.87 5.04 -22.98
C GLY A 1071 27.59 4.06 -23.88
N LYS A 1072 28.91 3.94 -23.72
CA LYS A 1072 29.68 2.95 -24.50
C LYS A 1072 29.25 1.54 -24.11
N SER A 1073 28.97 1.31 -22.83
CA SER A 1073 28.59 -0.05 -22.36
C SER A 1073 27.54 -0.62 -23.31
N THR A 1074 26.66 0.23 -23.84
CA THR A 1074 25.57 -0.27 -24.72
C THR A 1074 26.19 -0.93 -25.95
N VAL A 1075 27.29 -0.39 -26.45
CA VAL A 1075 27.92 -0.96 -27.67
C VAL A 1075 28.27 -2.41 -27.35
N VAL A 1076 28.85 -2.63 -26.17
CA VAL A 1076 29.18 -4.02 -25.74
C VAL A 1076 27.86 -4.78 -25.57
N GLN A 1077 26.84 -4.13 -25.00
CA GLN A 1077 25.55 -4.80 -24.69
C GLN A 1077 24.94 -5.32 -25.99
N LEU A 1078 25.33 -4.75 -27.12
CA LEU A 1078 24.72 -5.11 -28.41
C LEU A 1078 25.37 -6.38 -28.95
N LEU A 1079 26.63 -6.66 -28.57
CA LEU A 1079 27.25 -7.83 -29.19
C LEU A 1079 26.56 -9.13 -28.83
N GLU A 1080 26.06 -9.19 -27.59
CA GLU A 1080 25.26 -10.35 -27.09
C GLU A 1080 23.76 -10.11 -27.27
N ARG A 1081 23.37 -9.15 -28.11
CA ARG A 1081 21.94 -8.96 -28.45
C ARG A 1081 21.08 -8.74 -27.21
N PHE A 1082 21.57 -8.01 -26.21
CA PHE A 1082 20.67 -7.66 -25.08
C PHE A 1082 19.56 -6.80 -25.68
N TYR A 1083 19.92 -5.92 -26.63
CA TYR A 1083 18.93 -5.09 -27.36
C TYR A 1083 19.05 -5.47 -28.83
N ASP A 1084 18.03 -5.15 -29.64
CA ASP A 1084 18.08 -5.60 -31.06
C ASP A 1084 18.37 -4.41 -31.98
N PRO A 1085 19.42 -4.48 -32.84
CA PRO A 1085 19.73 -3.40 -33.77
C PRO A 1085 18.71 -3.32 -34.91
N MET A 1086 18.41 -2.12 -35.39
CA MET A 1086 17.46 -1.94 -36.48
C MET A 1086 18.01 -1.13 -37.64
N ALA A 1087 18.77 -0.07 -37.34
CA ALA A 1087 19.32 0.76 -38.42
C ALA A 1087 20.42 0.03 -39.18
N GLY A 1088 21.31 -0.65 -38.47
CA GLY A 1088 22.40 -1.36 -39.07
C GLY A 1088 22.35 -2.86 -38.80
N SER A 1089 23.36 -3.54 -39.33
CA SER A 1089 23.50 -4.98 -39.17
C SER A 1089 24.91 -5.30 -38.70
N VAL A 1090 25.03 -6.31 -37.83
CA VAL A 1090 26.31 -6.75 -37.32
C VAL A 1090 26.62 -8.12 -37.92
N PHE A 1091 27.78 -8.23 -38.56
CA PHE A 1091 28.20 -9.45 -39.23
C PHE A 1091 29.33 -10.09 -38.43
N LEU A 1092 29.13 -11.36 -38.06
CA LEU A 1092 30.14 -12.14 -37.36
C LEU A 1092 30.43 -13.39 -38.19
N ASP A 1093 31.71 -13.66 -38.42
CA ASP A 1093 32.14 -14.73 -39.31
C ASP A 1093 31.55 -14.55 -40.71
N GLY A 1094 31.39 -13.29 -41.11
CA GLY A 1094 30.92 -12.99 -42.45
C GLY A 1094 29.43 -13.15 -42.66
N LYS A 1095 28.66 -13.37 -41.60
CA LYS A 1095 27.22 -13.57 -41.72
C LYS A 1095 26.54 -12.99 -40.48
N GLU A 1096 25.31 -12.49 -40.68
CA GLU A 1096 24.65 -11.65 -39.70
C GLU A 1096 24.36 -12.41 -38.40
N ILE A 1097 24.24 -11.64 -37.30
CA ILE A 1097 24.08 -12.24 -35.98
C ILE A 1097 22.63 -12.40 -35.57
N LYS A 1098 21.70 -11.89 -36.37
CA LYS A 1098 20.29 -11.92 -35.93
C LYS A 1098 19.71 -13.28 -36.31
N GLN A 1099 20.30 -13.90 -37.33
CA GLN A 1099 19.84 -15.23 -37.81
C GLN A 1099 20.68 -16.29 -37.09
N LEU A 1100 20.90 -16.13 -35.79
CA LEU A 1100 21.85 -17.05 -35.12
C LEU A 1100 21.20 -17.73 -33.92
N ASN A 1101 21.82 -18.82 -33.44
CA ASN A 1101 21.31 -19.50 -32.23
C ASN A 1101 21.72 -18.61 -31.08
N VAL A 1102 20.76 -17.84 -30.56
CA VAL A 1102 21.08 -16.88 -29.48
C VAL A 1102 22.04 -17.54 -28.49
N GLN A 1103 21.68 -18.74 -28.02
CA GLN A 1103 22.54 -19.38 -26.99
C GLN A 1103 23.94 -19.60 -27.57
N TRP A 1104 24.05 -20.16 -28.78
CA TRP A 1104 25.40 -20.47 -29.34
C TRP A 1104 26.23 -19.20 -29.45
N LEU A 1105 25.60 -18.11 -29.89
CA LEU A 1105 26.34 -16.81 -29.92
C LEU A 1105 26.82 -16.50 -28.51
N ARG A 1106 25.91 -16.47 -27.55
CA ARG A 1106 26.26 -16.12 -26.16
C ARG A 1106 27.37 -17.06 -25.69
N ALA A 1107 27.27 -18.33 -26.05
CA ALA A 1107 28.27 -19.32 -25.65
C ALA A 1107 29.67 -18.87 -26.02
N GLN A 1108 29.85 -18.34 -27.23
CA GLN A 1108 31.17 -17.91 -27.69
C GLN A 1108 31.41 -16.43 -27.40
N LEU A 1109 31.15 -16.02 -26.15
CA LEU A 1109 31.31 -14.62 -25.75
C LEU A 1109 31.66 -14.59 -24.27
N GLY A 1110 32.90 -14.25 -23.96
CA GLY A 1110 33.34 -14.09 -22.58
C GLY A 1110 33.14 -12.70 -22.04
N ILE A 1111 31.90 -12.34 -21.73
CA ILE A 1111 31.60 -11.00 -21.23
C ILE A 1111 31.94 -10.92 -19.75
N VAL A 1112 32.42 -9.76 -19.33
CA VAL A 1112 32.66 -9.48 -17.91
C VAL A 1112 31.99 -8.16 -17.56
N SER A 1113 31.18 -8.17 -16.50
CA SER A 1113 30.48 -6.94 -16.08
C SER A 1113 31.40 -6.07 -15.23
N GLN A 1114 31.17 -4.76 -15.19
CA GLN A 1114 31.97 -3.88 -14.28
C GLN A 1114 31.63 -4.28 -12.84
N GLU A 1115 30.35 -4.58 -12.56
CA GLU A 1115 29.90 -4.94 -11.20
C GLU A 1115 29.79 -6.47 -11.09
N PRO A 1116 30.76 -7.22 -10.51
CA PRO A 1116 30.66 -8.69 -10.49
C PRO A 1116 29.72 -9.22 -9.42
N ILE A 1117 28.44 -9.27 -9.75
CA ILE A 1117 27.42 -9.83 -8.87
C ILE A 1117 27.33 -11.33 -9.12
N LEU A 1118 27.45 -12.12 -8.07
CA LEU A 1118 27.35 -13.57 -8.16
C LEU A 1118 26.29 -14.07 -7.21
N PHE A 1119 25.87 -15.32 -7.44
CA PHE A 1119 24.72 -15.89 -6.76
C PHE A 1119 25.07 -16.26 -5.32
N ASP A 1120 24.06 -16.69 -4.58
CA ASP A 1120 24.21 -17.18 -3.21
C ASP A 1120 24.67 -18.63 -3.19
N ARG A 1121 25.74 -18.92 -3.91
CA ARG A 1121 26.27 -20.26 -4.07
C ARG A 1121 27.74 -20.27 -3.65
N SER A 1122 28.41 -21.40 -3.90
CA SER A 1122 29.82 -21.54 -3.45
C SER A 1122 30.78 -20.93 -4.48
N ILE A 1123 32.05 -20.81 -4.11
CA ILE A 1123 33.07 -20.24 -5.04
C ILE A 1123 33.09 -21.14 -6.28
N ALA A 1124 32.98 -22.44 -6.08
CA ALA A 1124 33.09 -23.37 -7.23
C ALA A 1124 31.73 -23.46 -7.95
N GLU A 1125 30.64 -23.47 -7.19
CA GLU A 1125 29.32 -23.49 -7.80
C GLU A 1125 29.06 -22.26 -8.65
N ASN A 1126 29.78 -21.17 -8.42
CA ASN A 1126 29.64 -19.97 -9.24
C ASN A 1126 30.56 -19.99 -10.47
N ILE A 1127 31.79 -20.46 -10.31
CA ILE A 1127 32.68 -20.58 -11.47
C ILE A 1127 32.20 -21.66 -12.41
N ALA A 1128 31.55 -22.70 -11.88
CA ALA A 1128 30.97 -23.74 -12.72
C ALA A 1128 29.73 -23.27 -13.45
N TYR A 1129 29.20 -22.09 -13.12
CA TYR A 1129 28.03 -21.58 -13.81
C TYR A 1129 28.35 -21.19 -15.25
N GLY A 1130 29.62 -20.93 -15.55
CA GLY A 1130 30.00 -20.56 -16.90
C GLY A 1130 29.78 -21.67 -17.91
N ASP A 1131 29.94 -22.92 -17.49
CA ASP A 1131 29.82 -24.07 -18.38
C ASP A 1131 28.38 -24.56 -18.50
N ASN A 1132 27.41 -23.67 -18.30
CA ASN A 1132 26.01 -24.02 -18.50
C ASN A 1132 25.76 -24.52 -19.91
N SER A 1133 24.91 -25.53 -20.04
CA SER A 1133 24.62 -26.21 -21.31
C SER A 1133 25.88 -26.72 -22.00
N ARG A 1134 26.99 -26.79 -21.28
CA ARG A 1134 28.28 -27.20 -21.81
C ARG A 1134 28.81 -28.38 -20.99
N VAL A 1135 30.06 -28.75 -21.24
CA VAL A 1135 30.70 -29.81 -20.46
C VAL A 1135 30.90 -29.29 -19.04
N VAL A 1136 30.45 -30.08 -18.06
CA VAL A 1136 30.57 -29.66 -16.67
C VAL A 1136 32.03 -29.77 -16.25
N SER A 1137 32.53 -28.72 -15.59
CA SER A 1137 33.93 -28.68 -15.19
C SER A 1137 34.14 -29.48 -13.90
N TYR A 1138 34.84 -30.59 -14.02
CA TYR A 1138 35.21 -31.42 -12.87
C TYR A 1138 36.72 -31.39 -12.73
N GLU A 1139 37.21 -30.62 -11.75
CA GLU A 1139 38.62 -30.39 -11.45
C GLU A 1139 39.34 -29.60 -12.54
N GLU A 1140 38.65 -29.23 -13.62
CA GLU A 1140 39.19 -28.21 -14.53
C GLU A 1140 39.16 -26.84 -13.88
N ILE A 1141 38.42 -26.69 -12.79
CA ILE A 1141 38.34 -25.42 -12.08
C ILE A 1141 39.72 -25.06 -11.52
N VAL A 1142 40.53 -26.07 -11.20
CA VAL A 1142 41.90 -25.80 -10.80
C VAL A 1142 42.65 -25.09 -11.91
N ARG A 1143 42.53 -25.60 -13.14
CA ARG A 1143 43.17 -24.95 -14.29
C ARG A 1143 42.62 -23.55 -14.50
N ALA A 1144 41.31 -23.38 -14.37
CA ALA A 1144 40.71 -22.05 -14.55
C ALA A 1144 41.25 -21.06 -13.53
N ALA A 1145 41.33 -21.48 -12.25
CA ALA A 1145 41.83 -20.59 -11.21
C ALA A 1145 43.30 -20.28 -11.41
N LYS A 1146 44.08 -21.30 -11.83
CA LYS A 1146 45.53 -21.08 -12.08
C LYS A 1146 45.68 -20.06 -13.21
N GLU A 1147 44.89 -20.18 -14.28
CA GLU A 1147 44.93 -19.22 -15.37
C GLU A 1147 44.53 -17.83 -14.88
N ALA A 1148 43.51 -17.75 -14.04
CA ALA A 1148 43.06 -16.48 -13.49
C ALA A 1148 43.91 -16.01 -12.32
N ASN A 1149 44.84 -16.84 -11.84
CA ASN A 1149 45.80 -16.48 -10.79
C ASN A 1149 45.11 -16.05 -9.50
N ILE A 1150 43.95 -16.65 -9.20
CA ILE A 1150 43.23 -16.35 -7.92
C ILE A 1150 43.41 -17.58 -7.02
N HIS A 1151 44.38 -18.43 -7.34
CA HIS A 1151 44.56 -19.69 -6.57
C HIS A 1151 44.82 -19.33 -5.10
N GLN A 1152 45.60 -18.29 -4.86
CA GLN A 1152 45.97 -17.96 -3.46
C GLN A 1152 44.69 -17.70 -2.66
N PHE A 1153 43.73 -16.97 -3.23
CA PHE A 1153 42.54 -16.63 -2.41
C PHE A 1153 41.61 -17.84 -2.30
N ILE A 1154 41.47 -18.64 -3.36
CA ILE A 1154 40.66 -19.88 -3.23
C ILE A 1154 41.35 -20.82 -2.23
N ASP A 1155 42.68 -20.91 -2.28
CA ASP A 1155 43.46 -21.76 -1.33
C ASP A 1155 43.28 -21.21 0.09
N SER A 1156 43.29 -19.88 0.26
CA SER A 1156 43.19 -19.26 1.60
C SER A 1156 41.86 -19.63 2.26
N LEU A 1157 40.79 -19.73 1.48
CA LEU A 1157 39.44 -20.00 2.05
C LEU A 1157 39.49 -21.34 2.81
N PRO A 1158 38.78 -21.48 3.95
CA PRO A 1158 38.90 -22.68 4.77
C PRO A 1158 38.50 -23.96 4.03
N ASP A 1159 37.42 -23.91 3.25
CA ASP A 1159 36.94 -25.10 2.51
C ASP A 1159 37.50 -25.05 1.08
N LYS A 1160 38.35 -24.06 0.80
CA LYS A 1160 38.91 -23.89 -0.57
C LYS A 1160 37.78 -23.66 -1.56
N TYR A 1161 37.70 -24.47 -2.62
CA TYR A 1161 36.66 -24.28 -3.66
C TYR A 1161 35.28 -24.42 -3.01
N ASN A 1162 35.15 -25.35 -2.07
CA ASN A 1162 33.84 -25.61 -1.43
C ASN A 1162 33.36 -24.38 -0.66
N THR A 1163 34.27 -23.51 -0.22
CA THR A 1163 33.81 -22.37 0.64
C THR A 1163 32.68 -21.67 -0.11
N ARG A 1164 31.59 -21.36 0.60
CA ARG A 1164 30.43 -20.80 -0.11
C ARG A 1164 30.16 -19.35 0.27
N VAL A 1165 29.76 -18.55 -0.71
CA VAL A 1165 29.35 -17.18 -0.43
C VAL A 1165 27.90 -17.22 0.04
N GLY A 1166 27.71 -17.50 1.33
CA GLY A 1166 26.38 -17.59 1.90
C GLY A 1166 25.91 -16.27 2.45
N ASP A 1167 24.82 -15.74 1.88
CA ASP A 1167 24.21 -14.45 2.23
C ASP A 1167 25.27 -13.40 2.63
N LYS A 1168 26.31 -13.34 1.79
CA LYS A 1168 27.47 -12.48 1.95
C LYS A 1168 28.33 -12.84 3.17
N GLY A 1169 28.12 -14.01 3.75
CA GLY A 1169 29.01 -14.46 4.81
C GLY A 1169 30.36 -14.85 4.24
N THR A 1170 31.40 -14.61 5.04
CA THR A 1170 32.79 -14.72 4.59
C THR A 1170 32.99 -13.93 3.30
N GLN A 1171 32.51 -12.69 3.31
CA GLN A 1171 32.45 -11.89 2.10
C GLN A 1171 33.84 -11.70 1.51
N LEU A 1172 33.96 -12.00 0.22
CA LEU A 1172 35.25 -11.95 -0.46
C LEU A 1172 35.62 -10.51 -0.78
N SER A 1173 36.93 -10.28 -0.91
CA SER A 1173 37.46 -8.93 -1.08
C SER A 1173 36.91 -8.27 -2.33
N GLY A 1174 36.72 -6.95 -2.24
CA GLY A 1174 36.12 -6.22 -3.35
C GLY A 1174 36.96 -6.26 -4.62
N GLY A 1175 38.29 -6.34 -4.46
CA GLY A 1175 39.17 -6.36 -5.62
C GLY A 1175 39.32 -7.72 -6.26
N GLN A 1176 38.66 -8.75 -5.74
CA GLN A 1176 38.82 -10.11 -6.25
C GLN A 1176 37.54 -10.71 -6.82
N LYS A 1177 36.37 -10.13 -6.52
CA LYS A 1177 35.14 -10.61 -7.15
C LYS A 1177 35.20 -10.42 -8.65
N GLN A 1178 35.79 -9.31 -9.11
CA GLN A 1178 36.03 -9.17 -10.55
C GLN A 1178 36.96 -10.25 -11.06
N ARG A 1179 37.96 -10.64 -10.27
CA ARG A 1179 38.86 -11.71 -10.70
C ARG A 1179 38.11 -13.04 -10.85
N ILE A 1180 37.25 -13.38 -9.90
CA ILE A 1180 36.52 -14.65 -10.01
C ILE A 1180 35.52 -14.59 -11.15
N ALA A 1181 34.96 -13.40 -11.42
CA ALA A 1181 34.13 -13.24 -12.60
C ALA A 1181 34.93 -13.46 -13.88
N ILE A 1182 36.17 -12.96 -13.92
CA ILE A 1182 37.03 -13.19 -15.07
C ILE A 1182 37.31 -14.68 -15.23
N ALA A 1183 37.53 -15.38 -14.11
CA ALA A 1183 37.73 -16.82 -14.17
C ALA A 1183 36.48 -17.51 -14.73
N ARG A 1184 35.30 -17.08 -14.28
CA ARG A 1184 34.07 -17.63 -14.81
C ARG A 1184 33.96 -17.42 -16.31
N ALA A 1185 34.31 -16.22 -16.78
CA ALA A 1185 34.27 -15.93 -18.20
C ALA A 1185 35.25 -16.80 -18.98
N LEU A 1186 36.47 -16.97 -18.48
CA LEU A 1186 37.48 -17.72 -19.21
C LEU A 1186 37.21 -19.23 -19.14
N VAL A 1187 36.37 -19.66 -18.20
CA VAL A 1187 35.98 -21.07 -18.16
C VAL A 1187 35.34 -21.47 -19.49
N ARG A 1188 34.47 -20.60 -20.03
CA ARG A 1188 33.80 -20.91 -21.28
C ARG A 1188 34.77 -21.06 -22.44
N GLN A 1189 35.95 -20.45 -22.32
CA GLN A 1189 36.99 -20.46 -23.35
C GLN A 1189 36.44 -20.04 -24.72
N PRO A 1190 35.96 -18.81 -24.85
CA PRO A 1190 35.40 -18.36 -26.12
C PRO A 1190 36.49 -17.80 -27.04
N HIS A 1191 36.12 -17.66 -28.31
CA HIS A 1191 37.02 -17.07 -29.29
C HIS A 1191 37.18 -15.56 -29.13
N ILE A 1192 36.34 -14.93 -28.29
CA ILE A 1192 36.38 -13.49 -28.11
C ILE A 1192 35.86 -13.18 -26.71
N LEU A 1193 36.48 -12.21 -26.05
CA LEU A 1193 36.12 -11.78 -24.71
C LEU A 1193 35.76 -10.30 -24.73
N LEU A 1194 34.97 -9.87 -23.75
CA LEU A 1194 34.54 -8.49 -23.62
C LEU A 1194 34.80 -8.03 -22.20
N LEU A 1195 35.49 -6.90 -22.03
CA LEU A 1195 35.88 -6.46 -20.66
C LEU A 1195 35.54 -5.00 -20.40
N ASP A 1196 34.84 -4.70 -19.30
CA ASP A 1196 34.56 -3.29 -18.91
C ASP A 1196 34.86 -3.11 -17.42
N GLU A 1197 35.73 -3.97 -16.85
CA GLU A 1197 36.03 -3.93 -15.39
C GLU A 1197 36.10 -2.49 -14.86
N ALA A 1198 36.91 -1.63 -15.49
CA ALA A 1198 37.09 -0.23 -15.04
C ALA A 1198 37.66 -0.25 -13.63
N THR A 1199 37.10 0.50 -12.67
CA THR A 1199 37.60 0.49 -11.30
C THR A 1199 36.41 0.78 -10.39
N SER A 1200 35.82 -0.27 -9.84
CA SER A 1200 34.64 -0.11 -8.99
C SER A 1200 35.02 0.50 -7.64
N ALA A 1201 36.05 -0.07 -7.01
CA ALA A 1201 36.48 0.39 -5.66
C ALA A 1201 37.79 1.16 -5.76
N LEU A 1202 38.28 1.70 -4.64
CA LEU A 1202 39.50 2.56 -4.69
C LEU A 1202 40.74 1.81 -4.17
N ASP A 1203 40.65 0.48 -3.99
CA ASP A 1203 41.80 -0.25 -3.39
C ASP A 1203 43.03 -0.07 -4.27
N THR A 1204 42.89 -0.24 -5.60
CA THR A 1204 44.00 0.00 -6.56
C THR A 1204 45.22 -0.89 -6.25
N GLU A 1205 45.02 -2.03 -5.59
CA GLU A 1205 46.15 -2.97 -5.34
C GLU A 1205 45.79 -4.27 -6.06
N SER A 1206 44.60 -4.80 -5.77
CA SER A 1206 44.14 -5.98 -6.53
C SER A 1206 43.88 -5.48 -7.95
N GLU A 1207 43.71 -4.16 -8.10
CA GLU A 1207 43.54 -3.56 -9.44
C GLU A 1207 44.80 -3.84 -10.25
N LYS A 1208 45.98 -3.78 -9.64
CA LYS A 1208 47.21 -4.13 -10.39
C LYS A 1208 47.08 -5.56 -10.89
N VAL A 1209 46.52 -6.46 -10.08
CA VAL A 1209 46.39 -7.89 -10.46
C VAL A 1209 45.32 -8.06 -11.56
N VAL A 1210 44.26 -7.25 -11.56
CA VAL A 1210 43.19 -7.46 -12.53
C VAL A 1210 43.65 -7.12 -13.93
N GLN A 1211 44.41 -6.03 -14.12
CA GLN A 1211 44.95 -5.83 -15.47
C GLN A 1211 46.05 -6.83 -15.81
N GLU A 1212 46.74 -7.41 -14.82
CA GLU A 1212 47.64 -8.51 -15.14
C GLU A 1212 46.86 -9.68 -15.73
N ALA A 1213 45.74 -10.04 -15.10
CA ALA A 1213 44.90 -11.11 -15.63
C ALA A 1213 44.34 -10.73 -16.99
N LEU A 1214 43.98 -9.46 -17.18
CA LEU A 1214 43.43 -9.02 -18.45
C LEU A 1214 44.44 -9.14 -19.57
N ASP A 1215 45.69 -8.74 -19.32
CA ASP A 1215 46.70 -8.85 -20.37
C ASP A 1215 47.06 -10.31 -20.64
N LYS A 1216 47.04 -11.15 -19.61
CA LYS A 1216 47.24 -12.58 -19.84
C LYS A 1216 46.12 -13.14 -20.73
N ALA A 1217 44.88 -12.76 -20.45
CA ALA A 1217 43.76 -13.22 -21.27
C ALA A 1217 43.87 -12.69 -22.70
N ARG A 1218 44.27 -11.43 -22.85
CA ARG A 1218 44.31 -10.83 -24.17
C ARG A 1218 45.46 -11.38 -25.01
N GLU A 1219 46.57 -11.76 -24.38
CA GLU A 1219 47.60 -12.49 -25.12
C GLU A 1219 47.21 -13.95 -25.33
N GLY A 1220 46.27 -14.45 -24.55
CA GLY A 1220 45.75 -15.78 -24.78
C GLY A 1220 44.70 -15.86 -25.88
N ARG A 1221 43.82 -14.86 -25.96
CA ARG A 1221 42.72 -14.87 -26.91
C ARG A 1221 42.36 -13.45 -27.31
N THR A 1222 41.67 -13.33 -28.44
CA THR A 1222 41.19 -12.04 -28.91
C THR A 1222 40.21 -11.45 -27.91
N VAL A 1223 40.28 -10.14 -27.70
CA VAL A 1223 39.48 -9.46 -26.69
C VAL A 1223 39.11 -8.06 -27.18
N ILE A 1224 37.96 -7.57 -26.70
CA ILE A 1224 37.57 -6.18 -26.82
C ILE A 1224 37.50 -5.62 -25.41
N VAL A 1225 38.36 -4.65 -25.10
CA VAL A 1225 38.48 -4.10 -23.76
C VAL A 1225 37.96 -2.67 -23.75
N ILE A 1226 37.13 -2.35 -22.77
CA ILE A 1226 36.59 -1.02 -22.58
C ILE A 1226 36.98 -0.57 -21.18
N ALA A 1227 37.63 0.59 -21.09
CA ALA A 1227 38.10 1.08 -19.79
C ALA A 1227 38.36 2.57 -19.90
N HIS A 1228 37.63 3.36 -19.12
CA HIS A 1228 37.84 4.81 -19.11
C HIS A 1228 38.89 5.18 -18.06
N ARG A 1229 40.05 4.53 -18.11
CA ARG A 1229 41.15 4.78 -17.19
C ARG A 1229 42.42 4.98 -17.99
N LEU A 1230 43.22 5.97 -17.62
CA LEU A 1230 44.46 6.27 -18.34
C LEU A 1230 45.44 5.11 -18.24
N SER A 1231 45.58 4.54 -17.04
CA SER A 1231 46.52 3.44 -16.86
C SER A 1231 46.14 2.23 -17.70
N THR A 1232 44.84 1.94 -17.80
CA THR A 1232 44.39 0.80 -18.59
C THR A 1232 44.72 0.97 -20.06
N ILE A 1233 44.46 2.16 -20.62
CA ILE A 1233 44.70 2.37 -22.04
C ILE A 1233 46.20 2.42 -22.33
N GLN A 1234 46.99 3.01 -21.42
CA GLN A 1234 48.43 3.02 -21.61
C GLN A 1234 49.02 1.62 -21.54
N ASN A 1235 48.51 0.79 -20.63
CA ASN A 1235 49.00 -0.58 -20.53
C ASN A 1235 48.64 -1.41 -21.75
N ALA A 1236 47.55 -1.06 -22.43
CA ALA A 1236 47.13 -1.77 -23.63
C ALA A 1236 48.17 -1.56 -24.73
N ASP A 1237 48.79 -2.65 -25.18
CA ASP A 1237 49.80 -2.53 -26.22
C ASP A 1237 49.21 -2.05 -27.54
N LEU A 1238 48.04 -2.58 -27.90
CA LEU A 1238 47.37 -2.21 -29.15
C LEU A 1238 46.40 -1.08 -28.86
N ILE A 1239 46.92 0.15 -28.88
CA ILE A 1239 46.14 1.34 -28.60
C ILE A 1239 45.37 1.70 -29.87
N VAL A 1240 44.09 1.35 -29.91
CA VAL A 1240 43.22 1.64 -31.05
C VAL A 1240 42.03 2.45 -30.56
N VAL A 1241 42.26 3.31 -29.57
CA VAL A 1241 41.19 4.06 -28.93
C VAL A 1241 40.40 4.84 -29.96
N ILE A 1242 39.09 4.62 -30.00
CA ILE A 1242 38.17 5.32 -30.88
C ILE A 1242 36.95 5.74 -30.07
N GLN A 1243 36.54 7.00 -30.22
CA GLN A 1243 35.36 7.52 -29.54
C GLN A 1243 34.37 8.01 -30.60
N ASN A 1244 33.17 7.44 -30.57
CA ASN A 1244 32.06 7.81 -31.47
C ASN A 1244 32.47 7.73 -32.95
N GLY A 1245 33.52 6.99 -33.27
CA GLY A 1245 33.97 6.83 -34.64
C GLY A 1245 34.72 8.01 -35.20
N LYS A 1246 35.08 9.00 -34.37
CA LYS A 1246 35.73 10.20 -34.89
C LYS A 1246 37.17 9.92 -35.32
N VAL A 1247 37.90 9.14 -34.54
CA VAL A 1247 39.32 8.90 -34.80
C VAL A 1247 39.56 7.40 -34.98
N LYS A 1248 40.81 7.03 -35.18
CA LYS A 1248 41.18 5.63 -35.35
C LYS A 1248 42.60 5.41 -34.84
N GLU A 1249 42.90 4.17 -34.47
CA GLU A 1249 44.22 3.73 -34.02
C GLU A 1249 44.56 4.51 -32.74
N HIS A 1250 45.82 4.91 -32.55
CA HIS A 1250 46.25 5.56 -31.32
C HIS A 1250 45.92 7.04 -31.40
N GLY A 1251 45.01 7.51 -30.52
CA GLY A 1251 44.66 8.92 -30.51
C GLY A 1251 45.75 9.77 -29.86
N THR A 1252 46.42 9.22 -28.85
CA THR A 1252 47.41 10.01 -28.10
C THR A 1252 48.55 10.48 -28.99
N HIS A 1253 48.90 9.70 -30.02
CA HIS A 1253 49.93 10.14 -30.95
C HIS A 1253 49.39 11.22 -31.89
N GLN A 1254 48.14 11.07 -32.32
CA GLN A 1254 47.54 12.04 -33.23
C GLN A 1254 47.26 13.37 -32.51
N GLN A 1255 46.67 13.30 -31.33
CA GLN A 1255 46.29 14.50 -30.60
C GLN A 1255 46.41 14.25 -29.11
N LEU A 1256 46.56 15.33 -28.35
CA LEU A 1256 46.66 15.24 -26.90
C LEU A 1256 45.30 15.18 -26.22
N LEU A 1257 44.20 15.25 -26.98
CA LEU A 1257 42.87 15.20 -26.39
C LEU A 1257 42.64 13.87 -25.67
N ALA A 1258 43.12 12.76 -26.24
CA ALA A 1258 42.99 11.48 -25.57
C ALA A 1258 43.77 11.43 -24.27
N GLN A 1259 44.91 12.11 -24.22
CA GLN A 1259 45.73 12.14 -23.01
C GLN A 1259 45.06 13.03 -21.99
N LYS A 1260 44.67 12.45 -20.86
CA LYS A 1260 43.98 13.16 -19.77
C LYS A 1260 42.71 13.85 -20.27
#